data_5CNX
#
_entry.id   5CNX
#
_cell.length_a   224.202
_cell.length_b   224.202
_cell.length_c   74.636
_cell.angle_alpha   90.00
_cell.angle_beta   90.00
_cell.angle_gamma   120.00
#
_symmetry.space_group_name_H-M   'P 32 2 1'
#
loop_
_entity.id
_entity.type
_entity.pdbx_description
1 polymer 'Aminopeptidase YpdF'
2 non-polymer 'ZINC ION'
3 non-polymer 'CACODYLATE ION'
4 non-polymer GLYCEROL
5 non-polymer 'SODIUM ION'
6 water water
#
_entity_poly.entity_id   1
_entity_poly.type   'polypeptide(L)'
_entity_poly.pdbx_seq_one_letter_code
;STLLASLRDWLKAQQLDAVLLSSRQNKQPHLGISTGSGYVVISRESAHILVDSRYYVEVEARAQGYQLHLLDATNTLTTI
VNQIIADEQLQTLGFEGQQVSWETAHRWQSELNAKLVSATPDVLRQIKTPEEVEKIRLACGIADRGAEHIRRFIQAGMSE
REIAAELEWFMRQQGAEKASFDTIVASGWRGALPHGKASDKIVAAGEFVTLDFGALYQGYCSDMTRTLLVNGEGVSAESH
LLFNVYQIVLQAQLAAISAIRPGVRCQQVDDAARRVITEAGYGDYFGHNTGHAIGIEVHEDPRFSPRDTTTLQPGMLLTV
EPGIYLPGQGGVRIEDVVLVTPQGAEVLYAMPKTVLLTGEA
;
_entity_poly.pdbx_strand_id   A,B,C
#
loop_
_chem_comp.id
_chem_comp.type
_chem_comp.name
_chem_comp.formula
CAC non-polymer 'CACODYLATE ION' 'C2 H6 As O2 -1'
GOL non-polymer GLYCEROL 'C3 H8 O3'
NA non-polymer 'SODIUM ION' 'Na 1'
ZN non-polymer 'ZINC ION' 'Zn 2'
#
# COMPACT_ATOMS: atom_id res chain seq x y z
N SER A 1 20.70 -23.02 -1.09
CA SER A 1 19.28 -22.69 -1.27
C SER A 1 19.11 -21.41 -2.09
N THR A 2 18.01 -21.34 -2.83
CA THR A 2 17.71 -20.17 -3.63
C THR A 2 17.37 -18.99 -2.74
N LEU A 3 16.66 -19.25 -1.65
CA LEU A 3 16.33 -18.21 -0.66
C LEU A 3 17.59 -17.48 -0.18
N LEU A 4 18.64 -18.23 0.18
CA LEU A 4 19.86 -17.56 0.63
C LEU A 4 20.60 -16.86 -0.51
N ALA A 5 20.55 -17.44 -1.72
CA ALA A 5 21.23 -16.82 -2.85
C ALA A 5 20.55 -15.50 -3.20
N SER A 6 19.23 -15.53 -3.25
CA SER A 6 18.45 -14.35 -3.56
C SER A 6 18.73 -13.23 -2.54
N LEU A 7 18.87 -13.61 -1.27
CA LEU A 7 19.14 -12.64 -0.21
C LEU A 7 20.56 -12.10 -0.39
N ARG A 8 21.48 -12.99 -0.74
CA ARG A 8 22.86 -12.57 -0.92
C ARG A 8 23.02 -11.69 -2.18
N ASP A 9 22.21 -11.96 -3.20
CA ASP A 9 22.19 -11.04 -4.35
C ASP A 9 21.72 -9.68 -3.91
N TRP A 10 20.72 -9.68 -3.01
CA TRP A 10 20.19 -8.44 -2.48
C TRP A 10 21.23 -7.70 -1.64
N LEU A 11 21.94 -8.45 -0.79
CA LEU A 11 23.01 -7.88 0.01
C LEU A 11 24.01 -7.14 -0.87
N LYS A 12 24.46 -7.81 -1.93
CA LYS A 12 25.40 -7.23 -2.85
C LYS A 12 24.84 -5.96 -3.46
N ALA A 13 23.62 -6.04 -3.95
CA ALA A 13 23.00 -4.89 -4.61
C ALA A 13 22.82 -3.72 -3.66
N GLN A 14 22.67 -4.01 -2.37
CA GLN A 14 22.43 -2.97 -1.37
C GLN A 14 23.73 -2.50 -0.76
N GLN A 15 24.83 -3.15 -1.13
CA GLN A 15 26.13 -2.78 -0.61
C GLN A 15 26.21 -2.97 0.89
N LEU A 16 25.71 -4.10 1.37
CA LEU A 16 25.72 -4.39 2.79
C LEU A 16 26.47 -5.69 3.00
N ASP A 17 27.19 -5.79 4.11
CA ASP A 17 27.94 -6.99 4.39
C ASP A 17 27.01 -8.08 4.93
N ALA A 18 25.97 -7.66 5.64
CA ALA A 18 25.04 -8.59 6.25
C ALA A 18 23.70 -7.92 6.56
N VAL A 19 22.69 -8.73 6.86
CA VAL A 19 21.43 -8.16 7.28
C VAL A 19 20.94 -8.87 8.53
N LEU A 20 20.40 -8.09 9.45
CA LEU A 20 19.77 -8.60 10.67
C LEU A 20 18.25 -8.59 10.48
N LEU A 21 17.66 -9.78 10.40
CA LEU A 21 16.22 -9.91 10.18
C LEU A 21 15.53 -10.12 11.52
N SER A 22 14.59 -9.24 11.88
CA SER A 22 13.93 -9.34 13.19
C SER A 22 12.41 -9.49 13.08
N SER A 23 11.80 -8.94 12.02
CA SER A 23 10.35 -9.02 11.85
C SER A 23 9.95 -10.48 11.63
N ARG A 24 8.79 -10.86 12.15
CA ARG A 24 8.35 -12.24 12.07
C ARG A 24 8.18 -12.67 10.61
N GLN A 25 7.73 -11.75 9.75
CA GLN A 25 7.42 -12.10 8.37
C GLN A 25 8.69 -12.34 7.54
N ASN A 26 9.77 -11.63 7.87
CA ASN A 26 10.98 -11.80 7.09
C ASN A 26 11.87 -12.92 7.65
N LYS A 27 11.54 -13.40 8.84
CA LYS A 27 12.27 -14.50 9.43
C LYS A 27 11.61 -15.82 9.03
N GLN A 28 10.29 -15.75 8.81
CA GLN A 28 9.50 -16.97 8.60
C GLN A 28 10.07 -17.89 7.52
N PRO A 29 10.50 -17.34 6.37
CA PRO A 29 11.06 -18.27 5.36
C PRO A 29 12.27 -19.06 5.88
N HIS A 30 13.04 -18.45 6.77
CA HIS A 30 14.24 -19.07 7.31
C HIS A 30 13.93 -19.94 8.52
N LEU A 31 13.02 -19.50 9.36
CA LEU A 31 12.72 -20.20 10.60
C LEU A 31 11.72 -21.31 10.40
N GLY A 32 10.80 -21.12 9.45
CA GLY A 32 9.76 -22.09 9.25
C GLY A 32 8.61 -21.85 10.22
N ILE A 33 8.77 -20.86 11.09
CA ILE A 33 7.75 -20.42 12.04
C ILE A 33 7.63 -18.90 12.08
N SER A 34 6.60 -18.40 12.75
CA SER A 34 6.40 -16.95 12.90
C SER A 34 6.51 -16.49 14.35
N THR A 35 7.61 -15.84 14.69
CA THR A 35 7.82 -15.37 16.05
C THR A 35 8.35 -13.94 16.08
N GLY A 36 7.98 -13.18 17.10
CA GLY A 36 8.56 -11.86 17.29
C GLY A 36 9.98 -12.04 17.80
N SER A 37 10.15 -13.04 18.66
CA SER A 37 11.45 -13.32 19.21
C SER A 37 12.40 -13.90 18.15
N GLY A 38 13.69 -13.89 18.46
CA GLY A 38 14.64 -14.51 17.57
C GLY A 38 15.06 -13.62 16.42
N TYR A 39 16.18 -13.97 15.83
CA TYR A 39 16.76 -13.20 14.75
C TYR A 39 17.33 -14.15 13.69
N VAL A 40 17.49 -13.63 12.49
CA VAL A 40 18.20 -14.35 11.45
C VAL A 40 19.28 -13.42 10.92
N VAL A 41 20.53 -13.88 10.92
CA VAL A 41 21.62 -13.08 10.39
C VAL A 41 22.24 -13.74 9.16
N ILE A 42 22.18 -13.03 8.04
CA ILE A 42 22.75 -13.50 6.79
C ILE A 42 23.85 -12.57 6.33
N SER A 43 25.04 -13.12 6.12
CA SER A 43 26.13 -12.40 5.47
C SER A 43 26.37 -13.02 4.10
N ARG A 44 27.31 -12.47 3.35
CA ARG A 44 27.67 -13.07 2.05
C ARG A 44 28.29 -14.44 2.27
N GLU A 45 28.80 -14.69 3.48
CA GLU A 45 29.62 -15.85 3.75
C GLU A 45 28.94 -16.89 4.63
N SER A 46 27.99 -16.47 5.44
CA SER A 46 27.32 -17.39 6.38
C SER A 46 25.85 -17.04 6.63
N ALA A 47 25.16 -17.96 7.29
CA ALA A 47 23.75 -17.82 7.59
C ALA A 47 23.50 -18.29 9.00
N HIS A 48 22.87 -17.44 9.81
CA HIS A 48 22.69 -17.73 11.22
C HIS A 48 21.25 -17.61 11.69
N ILE A 49 20.88 -18.45 12.65
CA ILE A 49 19.59 -18.36 13.29
C ILE A 49 19.76 -18.19 14.80
N LEU A 50 19.04 -17.24 15.39
CA LEU A 50 19.16 -17.01 16.82
C LEU A 50 17.80 -17.19 17.47
N VAL A 51 17.63 -18.27 18.22
CA VAL A 51 16.37 -18.49 18.92
C VAL A 51 16.59 -18.95 20.35
N ASP A 52 15.58 -18.74 21.19
CA ASP A 52 15.66 -19.18 22.58
C ASP A 52 15.13 -20.61 22.73
N SER A 53 15.19 -21.12 23.95
CA SER A 53 14.87 -22.51 24.25
C SER A 53 13.49 -22.96 23.80
N ARG A 54 12.59 -22.02 23.56
CA ARG A 54 11.23 -22.36 23.16
C ARG A 54 11.19 -23.01 21.79
N TYR A 55 12.10 -22.62 20.91
CA TYR A 55 12.03 -23.04 19.53
C TYR A 55 13.28 -23.78 19.08
N TYR A 56 14.32 -23.76 19.89
CA TYR A 56 15.63 -24.23 19.46
C TYR A 56 15.61 -25.65 18.90
N VAL A 57 15.09 -26.60 19.66
CA VAL A 57 15.14 -27.99 19.23
C VAL A 57 14.38 -28.22 17.93
N GLU A 58 13.23 -27.59 17.77
CA GLU A 58 12.45 -27.85 16.56
C GLU A 58 13.07 -27.17 15.34
N VAL A 59 13.60 -25.96 15.52
CA VAL A 59 14.20 -25.25 14.41
C VAL A 59 15.52 -25.86 14.02
N GLU A 60 16.36 -26.18 15.00
CA GLU A 60 17.69 -26.72 14.73
C GLU A 60 17.62 -27.96 13.85
N ALA A 61 16.60 -28.77 14.07
CA ALA A 61 16.37 -29.96 13.28
C ALA A 61 16.08 -29.59 11.83
N ARG A 62 15.03 -28.80 11.62
CA ARG A 62 14.60 -28.45 10.28
C ARG A 62 15.54 -27.47 9.54
N ALA A 63 16.13 -26.54 10.27
CA ALA A 63 16.87 -25.42 9.67
C ALA A 63 18.27 -25.82 9.20
N GLN A 64 18.33 -26.70 8.23
CA GLN A 64 19.60 -27.04 7.63
C GLN A 64 20.10 -25.92 6.72
N GLY A 65 21.41 -25.72 6.75
CA GLY A 65 22.04 -24.67 5.97
C GLY A 65 22.32 -23.43 6.81
N TYR A 66 21.89 -23.46 8.07
CA TYR A 66 22.11 -22.35 9.00
C TYR A 66 23.01 -22.73 10.17
N GLN A 67 23.73 -21.73 10.69
CA GLN A 67 24.48 -21.90 11.93
C GLN A 67 23.53 -21.50 13.08
N LEU A 68 23.36 -22.39 14.05
CA LEU A 68 22.31 -22.22 15.05
C LEU A 68 22.84 -21.70 16.39
N HIS A 69 22.28 -20.61 16.89
CA HIS A 69 22.70 -20.08 18.19
C HIS A 69 21.55 -20.04 19.19
N LEU A 70 21.81 -20.51 20.41
CA LEU A 70 20.82 -20.43 21.47
C LEU A 70 20.83 -19.07 22.15
N LEU A 71 19.66 -18.48 22.29
CA LEU A 71 19.50 -17.24 23.04
C LEU A 71 19.18 -17.55 24.51
N ASP A 72 20.03 -17.06 25.41
CA ASP A 72 19.78 -17.14 26.84
C ASP A 72 20.31 -15.88 27.55
N ALA A 73 20.45 -15.96 28.88
CA ALA A 73 20.96 -14.85 29.67
C ALA A 73 22.37 -14.45 29.25
N THR A 74 23.20 -15.46 29.01
CA THR A 74 24.61 -15.25 28.68
C THR A 74 24.83 -14.94 27.21
N ASN A 75 24.12 -15.65 26.33
CA ASN A 75 24.27 -15.45 24.89
C ASN A 75 23.12 -14.65 24.32
N THR A 76 23.40 -13.39 24.01
CA THR A 76 22.37 -12.45 23.57
C THR A 76 22.58 -11.98 22.15
N LEU A 77 21.60 -11.26 21.63
CA LEU A 77 21.72 -10.65 20.34
C LEU A 77 23.05 -9.90 20.21
N THR A 78 23.39 -9.13 21.23
CA THR A 78 24.62 -8.35 21.21
C THR A 78 25.85 -9.27 21.19
N THR A 79 25.92 -10.21 22.12
CA THR A 79 27.08 -11.08 22.21
C THR A 79 27.23 -11.96 20.98
N ILE A 80 26.11 -12.41 20.44
CA ILE A 80 26.16 -13.35 19.31
C ILE A 80 26.51 -12.63 18.00
N VAL A 81 25.80 -11.53 17.72
CA VAL A 81 26.04 -10.79 16.48
C VAL A 81 27.43 -10.15 16.48
N ASN A 82 27.86 -9.61 17.62
CA ASN A 82 29.19 -9.01 17.68
C ASN A 82 30.29 -10.02 17.41
N GLN A 83 30.09 -11.26 17.83
CA GLN A 83 31.04 -12.32 17.51
C GLN A 83 31.08 -12.54 16.00
N ILE A 84 29.91 -12.59 15.38
CA ILE A 84 29.81 -12.77 13.93
C ILE A 84 30.44 -11.58 13.21
N ILE A 85 30.20 -10.37 13.71
CA ILE A 85 30.81 -9.18 13.12
C ILE A 85 32.32 -9.26 13.20
N ALA A 86 32.82 -9.81 14.30
CA ALA A 86 34.26 -9.91 14.49
C ALA A 86 34.86 -10.95 13.53
N ASP A 87 34.25 -12.14 13.51
CA ASP A 87 34.78 -13.26 12.75
C ASP A 87 34.89 -13.00 11.25
N GLU A 88 33.99 -12.17 10.72
CA GLU A 88 33.97 -11.91 9.28
C GLU A 88 34.27 -10.46 8.96
N GLN A 89 34.75 -9.71 9.95
CA GLN A 89 34.99 -8.28 9.82
C GLN A 89 33.87 -7.60 9.04
N LEU A 90 32.67 -7.60 9.60
CA LEU A 90 31.54 -6.98 8.93
C LEU A 90 31.61 -5.49 9.19
N GLN A 91 31.39 -4.69 8.16
CA GLN A 91 31.47 -3.25 8.29
C GLN A 91 30.08 -2.67 8.45
N THR A 92 29.21 -3.05 7.54
CA THR A 92 27.83 -2.59 7.54
C THR A 92 26.87 -3.73 7.85
N LEU A 93 25.82 -3.40 8.60
CA LEU A 93 24.80 -4.37 8.98
C LEU A 93 23.42 -3.81 8.71
N GLY A 94 22.66 -4.45 7.82
CA GLY A 94 21.33 -3.98 7.54
C GLY A 94 20.36 -4.43 8.61
N PHE A 95 19.37 -3.59 8.92
CA PHE A 95 18.31 -3.96 9.84
C PHE A 95 17.00 -3.41 9.34
N GLU A 96 15.90 -4.02 9.76
CA GLU A 96 14.59 -3.61 9.28
C GLU A 96 14.11 -2.35 10.00
N GLY A 97 14.51 -1.19 9.46
CA GLY A 97 14.18 0.09 10.04
C GLY A 97 12.69 0.41 10.08
N GLN A 98 11.89 -0.35 9.34
CA GLN A 98 10.44 -0.13 9.33
C GLN A 98 9.74 -1.08 10.30
N GLN A 99 10.51 -1.96 10.94
CA GLN A 99 9.94 -2.95 11.83
C GLN A 99 10.53 -2.80 13.24
N VAL A 100 11.69 -2.19 13.32
CA VAL A 100 12.35 -2.00 14.60
C VAL A 100 12.00 -0.61 15.12
N SER A 101 11.65 -0.50 16.38
CA SER A 101 11.27 0.79 16.94
C SER A 101 12.44 1.77 16.99
N TRP A 102 12.10 3.05 17.06
CA TRP A 102 13.07 4.11 17.22
C TRP A 102 14.00 3.82 18.40
N GLU A 103 13.44 3.42 19.52
CA GLU A 103 14.23 3.16 20.71
C GLU A 103 15.17 1.97 20.53
N THR A 104 14.64 0.89 19.97
CA THR A 104 15.42 -0.33 19.78
C THR A 104 16.57 -0.16 18.79
N ALA A 105 16.32 0.53 17.68
CA ALA A 105 17.37 0.74 16.70
C ALA A 105 18.49 1.57 17.30
N HIS A 106 18.14 2.57 18.10
CA HIS A 106 19.15 3.38 18.76
C HIS A 106 20.02 2.54 19.69
N ARG A 107 19.40 1.64 20.44
CA ARG A 107 20.15 0.77 21.34
C ARG A 107 21.10 -0.14 20.55
N TRP A 108 20.58 -0.74 19.48
CA TRP A 108 21.36 -1.62 18.61
C TRP A 108 22.55 -0.92 17.99
N GLN A 109 22.34 0.28 17.45
CA GLN A 109 23.41 1.02 16.78
C GLN A 109 24.61 1.25 17.69
N SER A 110 24.40 1.27 19.00
CA SER A 110 25.49 1.50 19.92
C SER A 110 26.06 0.19 20.47
N GLU A 111 25.23 -0.83 20.61
CA GLU A 111 25.67 -2.07 21.22
C GLU A 111 26.34 -3.01 20.22
N LEU A 112 26.10 -2.77 18.93
CA LEU A 112 26.60 -3.64 17.88
C LEU A 112 27.82 -2.99 17.23
N ASN A 113 28.92 -3.73 17.16
CA ASN A 113 30.17 -3.20 16.64
C ASN A 113 30.19 -3.12 15.11
N ALA A 114 29.22 -2.41 14.54
CA ALA A 114 29.13 -2.25 13.09
C ALA A 114 28.20 -1.10 12.76
N LYS A 115 28.25 -0.62 11.53
CA LYS A 115 27.34 0.44 11.15
C LYS A 115 26.02 -0.16 10.72
N LEU A 116 24.96 0.17 11.44
CA LEU A 116 23.64 -0.34 11.12
C LEU A 116 23.03 0.55 10.07
N VAL A 117 22.49 -0.08 9.03
CA VAL A 117 21.91 0.65 7.92
C VAL A 117 20.47 0.17 7.76
N SER A 118 19.54 1.11 7.76
CA SER A 118 18.14 0.73 7.61
C SER A 118 17.92 0.24 6.18
N ALA A 119 17.66 -1.05 6.05
CA ALA A 119 17.35 -1.63 4.75
C ALA A 119 16.17 -2.57 4.91
N THR A 120 15.39 -2.76 3.85
CA THR A 120 14.22 -3.62 3.96
C THR A 120 14.18 -4.64 2.81
N PRO A 121 14.23 -5.92 3.19
CA PRO A 121 14.30 -7.01 2.21
C PRO A 121 12.93 -7.47 1.73
N ASP A 122 11.89 -6.71 2.08
CA ASP A 122 10.51 -7.05 1.75
C ASP A 122 10.28 -7.32 0.26
N VAL A 123 11.07 -6.66 -0.58
CA VAL A 123 10.87 -6.74 -2.03
C VAL A 123 11.09 -8.14 -2.58
N LEU A 124 11.90 -8.93 -1.89
CA LEU A 124 12.18 -10.28 -2.37
C LEU A 124 10.92 -11.13 -2.32
N ARG A 125 9.96 -10.72 -1.49
CA ARG A 125 8.75 -11.49 -1.28
C ARG A 125 7.66 -11.16 -2.29
N GLN A 126 7.88 -10.16 -3.13
CA GLN A 126 6.83 -9.76 -4.07
C GLN A 126 6.44 -10.90 -5.02
N ILE A 127 7.43 -11.59 -5.58
CA ILE A 127 7.14 -12.71 -6.47
C ILE A 127 7.22 -13.98 -5.65
N LYS A 128 6.16 -14.78 -5.72
CA LYS A 128 6.09 -15.97 -4.89
C LYS A 128 6.69 -17.17 -5.63
N THR A 129 7.27 -18.10 -4.87
CA THR A 129 7.74 -19.36 -5.42
C THR A 129 6.53 -20.27 -5.61
N PRO A 130 6.65 -21.27 -6.51
CA PRO A 130 5.53 -22.21 -6.68
C PRO A 130 5.00 -22.78 -5.37
N GLU A 131 5.88 -23.00 -4.39
CA GLU A 131 5.42 -23.51 -3.11
C GLU A 131 4.54 -22.50 -2.41
N GLU A 132 4.93 -21.24 -2.50
CA GLU A 132 4.18 -20.16 -1.87
C GLU A 132 2.86 -19.94 -2.58
N VAL A 133 2.88 -19.94 -3.90
CA VAL A 133 1.66 -19.80 -4.68
C VAL A 133 0.66 -20.87 -4.29
N GLU A 134 1.12 -22.10 -4.13
CA GLU A 134 0.21 -23.18 -3.75
C GLU A 134 -0.40 -23.01 -2.36
N LYS A 135 0.42 -22.60 -1.40
CA LYS A 135 -0.07 -22.39 -0.06
C LYS A 135 -1.15 -21.30 -0.02
N ILE A 136 -0.89 -20.20 -0.74
CA ILE A 136 -1.85 -19.11 -0.82
C ILE A 136 -3.07 -19.60 -1.57
N ARG A 137 -2.83 -20.39 -2.61
CA ARG A 137 -3.92 -20.97 -3.41
C ARG A 137 -4.88 -21.75 -2.51
N LEU A 138 -4.31 -22.50 -1.57
CA LEU A 138 -5.09 -23.30 -0.63
C LEU A 138 -5.73 -22.43 0.45
N ALA A 139 -5.00 -21.42 0.91
CA ALA A 139 -5.53 -20.47 1.87
C ALA A 139 -6.77 -19.82 1.28
N CYS A 140 -6.68 -19.43 0.02
CA CYS A 140 -7.83 -18.87 -0.68
C CYS A 140 -8.97 -19.88 -0.73
N GLY A 141 -8.64 -21.14 -0.92
CA GLY A 141 -9.65 -22.20 -0.95
C GLY A 141 -10.46 -22.29 0.32
N ILE A 142 -9.78 -22.24 1.47
CA ILE A 142 -10.46 -22.28 2.76
C ILE A 142 -11.44 -21.12 2.89
N ALA A 143 -11.01 -19.93 2.48
CA ALA A 143 -11.89 -18.78 2.51
C ALA A 143 -13.07 -19.02 1.57
N ASP A 144 -12.76 -19.48 0.35
CA ASP A 144 -13.79 -19.69 -0.66
C ASP A 144 -14.89 -20.62 -0.17
N ARG A 145 -14.50 -21.68 0.51
CA ARG A 145 -15.50 -22.61 1.03
C ARG A 145 -16.21 -21.98 2.21
N GLY A 146 -15.51 -21.15 2.96
CA GLY A 146 -16.11 -20.46 4.08
C GLY A 146 -17.21 -19.53 3.63
N ALA A 147 -16.98 -18.82 2.54
CA ALA A 147 -17.99 -17.93 1.96
C ALA A 147 -19.26 -18.71 1.58
N GLU A 148 -19.07 -19.86 0.93
CA GLU A 148 -20.17 -20.71 0.49
C GLU A 148 -20.97 -21.20 1.68
N HIS A 149 -20.26 -21.60 2.72
CA HIS A 149 -20.89 -22.08 3.94
C HIS A 149 -21.65 -20.99 4.68
N ILE A 150 -21.04 -19.81 4.80
CA ILE A 150 -21.62 -18.76 5.62
C ILE A 150 -22.83 -18.20 4.89
N ARG A 151 -22.82 -18.28 3.58
CA ARG A 151 -23.94 -17.77 2.81
C ARG A 151 -25.20 -18.59 3.09
N ARG A 152 -25.04 -19.90 3.15
CA ARG A 152 -26.16 -20.78 3.46
C ARG A 152 -26.54 -20.66 4.93
N PHE A 153 -25.58 -20.28 5.76
CA PHE A 153 -25.79 -20.27 7.20
C PHE A 153 -26.60 -19.05 7.65
N ILE A 154 -26.41 -17.93 6.97
CA ILE A 154 -26.98 -16.67 7.40
C ILE A 154 -28.52 -16.67 7.34
N GLN A 155 -29.13 -16.29 8.46
CA GLN A 155 -30.57 -16.13 8.53
C GLN A 155 -30.87 -14.75 9.14
N ALA A 156 -31.90 -14.08 8.63
CA ALA A 156 -32.36 -12.83 9.23
C ALA A 156 -32.64 -13.08 10.70
N GLY A 157 -32.10 -12.21 11.56
CA GLY A 157 -32.24 -12.37 12.99
C GLY A 157 -30.90 -12.55 13.68
N MET A 158 -29.92 -13.10 12.97
CA MET A 158 -28.58 -13.27 13.50
C MET A 158 -27.88 -11.93 13.65
N SER A 159 -26.93 -11.83 14.58
CA SER A 159 -26.12 -10.62 14.69
C SER A 159 -24.90 -10.76 13.81
N GLU A 160 -24.29 -9.63 13.45
CA GLU A 160 -23.08 -9.67 12.65
C GLU A 160 -22.00 -10.46 13.40
N ARG A 161 -21.97 -10.30 14.72
CA ARG A 161 -20.97 -10.99 15.51
C ARG A 161 -21.16 -12.50 15.42
N GLU A 162 -22.42 -12.93 15.46
CA GLU A 162 -22.75 -14.34 15.36
C GLU A 162 -22.33 -14.96 14.02
N ILE A 163 -22.56 -14.22 12.94
CA ILE A 163 -22.21 -14.68 11.60
C ILE A 163 -20.70 -14.86 11.49
N ALA A 164 -19.97 -13.90 12.07
CA ALA A 164 -18.52 -13.97 12.09
C ALA A 164 -18.03 -15.20 12.85
N ALA A 165 -18.67 -15.52 13.97
CA ALA A 165 -18.22 -16.66 14.80
C ALA A 165 -18.28 -17.95 14.00
N GLU A 166 -19.38 -18.14 13.30
CA GLU A 166 -19.56 -19.33 12.47
C GLU A 166 -18.55 -19.37 11.33
N LEU A 167 -18.31 -18.22 10.71
CA LEU A 167 -17.39 -18.16 9.58
C LEU A 167 -15.97 -18.47 10.03
N GLU A 168 -15.59 -17.91 11.18
CA GLU A 168 -14.26 -18.16 11.72
C GLU A 168 -14.09 -19.63 12.16
N TRP A 169 -15.10 -20.14 12.86
CA TRP A 169 -15.10 -21.51 13.31
C TRP A 169 -14.94 -22.47 12.12
N PHE A 170 -15.70 -22.22 11.06
CA PHE A 170 -15.68 -23.08 9.89
C PHE A 170 -14.31 -23.10 9.26
N MET A 171 -13.68 -21.93 9.19
CA MET A 171 -12.32 -21.84 8.66
C MET A 171 -11.34 -22.68 9.48
N ARG A 172 -11.45 -22.62 10.81
CA ARG A 172 -10.62 -23.43 11.67
C ARG A 172 -10.84 -24.91 11.35
N GLN A 173 -12.10 -25.30 11.37
CA GLN A 173 -12.51 -26.65 11.02
C GLN A 173 -12.00 -27.05 9.63
N GLN A 174 -11.80 -26.08 8.75
CA GLN A 174 -11.26 -26.38 7.44
C GLN A 174 -9.74 -26.37 7.40
N GLY A 175 -9.10 -26.23 8.56
CA GLY A 175 -7.66 -26.38 8.63
C GLY A 175 -6.87 -25.09 8.78
N ALA A 176 -7.58 -23.97 8.89
CA ALA A 176 -6.95 -22.67 9.07
C ALA A 176 -6.40 -22.56 10.49
N GLU A 177 -5.28 -21.88 10.63
CA GLU A 177 -4.72 -21.66 11.96
C GLU A 177 -5.57 -20.64 12.75
N LYS A 178 -6.06 -19.65 12.01
CA LYS A 178 -6.89 -18.58 12.53
C LYS A 178 -7.25 -17.65 11.38
N ALA A 179 -8.08 -16.65 11.67
CA ALA A 179 -8.40 -15.65 10.66
C ALA A 179 -7.16 -14.82 10.43
N SER A 180 -6.93 -14.42 9.20
CA SER A 180 -5.75 -13.63 8.89
C SER A 180 -5.92 -12.20 9.38
N PHE A 181 -7.16 -11.82 9.64
CA PHE A 181 -7.42 -10.49 10.19
C PHE A 181 -8.83 -10.44 10.77
N ASP A 182 -9.11 -9.39 11.53
CA ASP A 182 -10.41 -9.24 12.17
C ASP A 182 -11.51 -9.20 11.13
N THR A 183 -12.44 -10.15 11.24
CA THR A 183 -13.52 -10.32 10.29
C THR A 183 -14.46 -9.10 10.22
N ILE A 184 -14.75 -8.65 9.01
CA ILE A 184 -15.70 -7.57 8.78
C ILE A 184 -17.03 -8.16 8.36
N VAL A 185 -18.08 -7.87 9.12
CA VAL A 185 -19.44 -8.22 8.71
C VAL A 185 -20.32 -6.98 8.85
N ALA A 186 -20.63 -6.34 7.72
CA ALA A 186 -21.33 -5.06 7.76
C ALA A 186 -22.65 -5.11 6.99
N SER A 187 -23.75 -5.15 7.74
CA SER A 187 -25.08 -5.32 7.17
C SER A 187 -25.85 -4.00 7.14
N GLY A 188 -26.70 -3.84 6.12
CA GLY A 188 -27.53 -2.67 5.99
C GLY A 188 -26.70 -1.41 6.00
N TRP A 189 -27.09 -0.43 6.82
CA TRP A 189 -26.38 0.85 6.86
C TRP A 189 -24.92 0.70 7.27
N ARG A 190 -24.57 -0.35 8.03
CA ARG A 190 -23.16 -0.52 8.40
C ARG A 190 -22.29 -0.83 7.19
N GLY A 191 -22.92 -1.25 6.10
CA GLY A 191 -22.23 -1.50 4.85
C GLY A 191 -21.53 -0.26 4.31
N ALA A 192 -21.83 0.90 4.88
CA ALA A 192 -21.15 2.11 4.45
C ALA A 192 -19.79 2.26 5.16
N LEU A 193 -19.47 1.31 6.03
CA LEU A 193 -18.21 1.34 6.77
C LEU A 193 -17.25 0.30 6.18
N PRO A 194 -16.24 0.73 5.41
CA PRO A 194 -15.35 -0.25 4.74
C PRO A 194 -14.64 -1.23 5.69
N HIS A 195 -14.46 -0.82 6.95
CA HIS A 195 -13.80 -1.65 7.95
C HIS A 195 -14.68 -1.90 9.14
N GLY A 196 -15.97 -1.98 8.89
CA GLY A 196 -16.94 -2.21 9.92
C GLY A 196 -16.85 -3.63 10.46
N LYS A 197 -16.01 -3.82 11.48
CA LYS A 197 -15.89 -5.12 12.13
C LYS A 197 -17.22 -5.59 12.66
N ALA A 198 -17.44 -6.91 12.61
CA ALA A 198 -18.72 -7.50 12.98
C ALA A 198 -19.19 -6.98 14.34
N SER A 199 -20.41 -6.48 14.39
CA SER A 199 -20.95 -5.86 15.59
C SER A 199 -22.16 -6.64 16.08
N ASP A 200 -22.87 -6.09 17.07
CA ASP A 200 -24.03 -6.79 17.61
C ASP A 200 -25.30 -6.47 16.84
N LYS A 201 -25.17 -5.63 15.82
CA LYS A 201 -26.31 -5.29 14.97
C LYS A 201 -26.96 -6.53 14.35
N ILE A 202 -28.29 -6.59 14.41
CA ILE A 202 -29.02 -7.72 13.82
C ILE A 202 -29.09 -7.55 12.31
N VAL A 203 -28.83 -8.62 11.56
CA VAL A 203 -28.98 -8.58 10.11
C VAL A 203 -30.46 -8.82 9.78
N ALA A 204 -30.99 -7.98 8.88
CA ALA A 204 -32.41 -8.00 8.58
C ALA A 204 -32.66 -8.40 7.13
N ALA A 205 -33.85 -8.93 6.87
CA ALA A 205 -34.23 -9.34 5.52
C ALA A 205 -34.12 -8.17 4.57
N GLY A 206 -33.59 -8.42 3.36
CA GLY A 206 -33.48 -7.38 2.37
C GLY A 206 -32.22 -6.53 2.51
N GLU A 207 -31.45 -6.76 3.56
CA GLU A 207 -30.19 -6.03 3.74
C GLU A 207 -29.08 -6.62 2.89
N PHE A 208 -28.20 -5.75 2.38
CA PHE A 208 -26.93 -6.22 1.88
C PHE A 208 -26.04 -6.47 3.09
N VAL A 209 -25.27 -7.55 3.08
CA VAL A 209 -24.30 -7.75 4.15
C VAL A 209 -22.94 -8.06 3.52
N THR A 210 -21.95 -7.25 3.87
CA THR A 210 -20.62 -7.38 3.33
C THR A 210 -19.74 -8.20 4.29
N LEU A 211 -19.18 -9.30 3.80
CA LEU A 211 -18.28 -10.11 4.61
C LEU A 211 -16.86 -10.02 4.06
N ASP A 212 -16.00 -9.37 4.83
CA ASP A 212 -14.58 -9.26 4.53
C ASP A 212 -13.80 -10.05 5.58
N PHE A 213 -13.05 -11.05 5.12
CA PHE A 213 -12.46 -12.01 6.03
C PHE A 213 -11.35 -12.79 5.32
N GLY A 214 -10.63 -13.62 6.07
CA GLY A 214 -9.54 -14.37 5.47
C GLY A 214 -8.98 -15.40 6.40
N ALA A 215 -8.16 -16.29 5.84
CA ALA A 215 -7.60 -17.39 6.61
C ALA A 215 -6.08 -17.32 6.69
N LEU A 216 -5.54 -17.69 7.85
CA LEU A 216 -4.09 -17.93 7.96
C LEU A 216 -3.91 -19.42 7.83
N TYR A 217 -3.27 -19.81 6.74
CA TYR A 217 -3.03 -21.22 6.44
C TYR A 217 -1.57 -21.44 6.05
N GLN A 218 -0.88 -22.28 6.83
CA GLN A 218 0.52 -22.64 6.59
C GLN A 218 1.40 -21.39 6.44
N GLY A 219 1.14 -20.38 7.27
CA GLY A 219 1.95 -19.18 7.30
C GLY A 219 1.64 -18.20 6.18
N TYR A 220 0.62 -18.48 5.40
CA TYR A 220 0.25 -17.57 4.30
C TYR A 220 -1.23 -17.17 4.39
N CYS A 221 -1.58 -16.03 3.82
CA CYS A 221 -2.88 -15.41 4.07
C CYS A 221 -3.81 -15.41 2.89
N SER A 222 -5.10 -15.52 3.17
CA SER A 222 -6.11 -15.26 2.16
C SER A 222 -6.93 -14.06 2.63
N ASP A 223 -7.70 -13.49 1.73
CA ASP A 223 -8.42 -12.25 1.97
C ASP A 223 -9.59 -12.20 1.01
N MET A 224 -10.83 -12.32 1.50
CA MET A 224 -12.00 -12.32 0.61
C MET A 224 -13.15 -11.40 1.07
N THR A 225 -13.80 -10.73 0.10
CA THR A 225 -15.04 -10.04 0.39
C THR A 225 -16.16 -10.46 -0.56
N ARG A 226 -17.31 -10.79 0.03
CA ARG A 226 -18.53 -10.99 -0.72
C ARG A 226 -19.64 -10.20 -0.07
N THR A 227 -20.47 -9.56 -0.90
CA THR A 227 -21.63 -8.84 -0.39
C THR A 227 -22.86 -9.64 -0.78
N LEU A 228 -23.50 -10.23 0.23
CA LEU A 228 -24.67 -11.07 0.02
C LEU A 228 -25.96 -10.33 0.35
N LEU A 229 -27.06 -10.84 -0.20
CA LEU A 229 -28.37 -10.29 0.06
C LEU A 229 -29.07 -11.19 1.05
N VAL A 230 -29.39 -10.63 2.21
CA VAL A 230 -30.04 -11.38 3.28
C VAL A 230 -31.46 -11.76 2.86
N ASN A 231 -31.68 -13.06 2.75
CA ASN A 231 -32.94 -13.59 2.24
C ASN A 231 -34.09 -13.36 3.22
N GLY A 232 -35.29 -13.21 2.67
CA GLY A 232 -36.51 -13.02 3.42
C GLY A 232 -37.69 -13.06 2.47
N GLU A 233 -38.90 -12.92 3.00
CA GLU A 233 -40.11 -13.01 2.18
C GLU A 233 -40.20 -11.85 1.18
N GLY A 234 -40.34 -12.19 -0.10
CA GLY A 234 -40.47 -11.19 -1.14
C GLY A 234 -39.23 -10.34 -1.31
N VAL A 235 -38.08 -10.93 -1.01
CA VAL A 235 -36.81 -10.25 -1.18
C VAL A 235 -36.23 -10.61 -2.54
N SER A 236 -35.88 -9.59 -3.32
CA SER A 236 -35.29 -9.81 -4.64
C SER A 236 -34.18 -8.81 -4.91
N ALA A 237 -33.19 -9.24 -5.67
CA ALA A 237 -32.01 -8.43 -5.96
C ALA A 237 -32.35 -7.13 -6.67
N GLU A 238 -33.09 -7.24 -7.76
CA GLU A 238 -33.32 -6.11 -8.66
C GLU A 238 -34.10 -4.99 -7.98
N SER A 239 -34.86 -5.33 -6.95
CA SER A 239 -35.66 -4.35 -6.22
C SER A 239 -34.83 -3.59 -5.21
N HIS A 240 -33.65 -4.10 -4.89
CA HIS A 240 -32.85 -3.50 -3.82
C HIS A 240 -32.44 -2.07 -4.15
N LEU A 241 -32.36 -1.25 -3.12
CA LEU A 241 -31.98 0.14 -3.25
C LEU A 241 -30.61 0.33 -3.87
N LEU A 242 -29.69 -0.58 -3.58
CA LEU A 242 -28.31 -0.45 -4.00
C LEU A 242 -27.94 -1.44 -5.12
N PHE A 243 -28.94 -1.96 -5.80
CA PHE A 243 -28.69 -2.92 -6.88
C PHE A 243 -27.79 -2.34 -7.96
N ASN A 244 -28.13 -1.15 -8.43
CA ASN A 244 -27.31 -0.47 -9.43
C ASN A 244 -25.89 -0.27 -8.94
N VAL A 245 -25.76 0.15 -7.69
CA VAL A 245 -24.46 0.35 -7.08
C VAL A 245 -23.69 -0.96 -7.03
N TYR A 246 -24.39 -2.04 -6.67
CA TYR A 246 -23.79 -3.37 -6.65
C TYR A 246 -23.20 -3.66 -8.01
N GLN A 247 -24.00 -3.42 -9.06
CA GLN A 247 -23.57 -3.74 -10.41
C GLN A 247 -22.37 -2.91 -10.82
N ILE A 248 -22.37 -1.65 -10.44
CA ILE A 248 -21.24 -0.78 -10.74
C ILE A 248 -19.98 -1.31 -10.08
N VAL A 249 -20.11 -1.80 -8.85
CA VAL A 249 -18.94 -2.35 -8.16
C VAL A 249 -18.44 -3.60 -8.86
N LEU A 250 -19.37 -4.53 -9.15
CA LEU A 250 -19.01 -5.77 -9.85
C LEU A 250 -18.31 -5.47 -11.17
N GLN A 251 -18.82 -4.48 -11.88
CA GLN A 251 -18.25 -4.10 -13.16
C GLN A 251 -16.83 -3.60 -13.00
N ALA A 252 -16.62 -2.73 -12.02
CA ALA A 252 -15.32 -2.15 -11.79
C ALA A 252 -14.33 -3.22 -11.37
N GLN A 253 -14.84 -4.21 -10.65
CA GLN A 253 -13.99 -5.29 -10.17
C GLN A 253 -13.49 -6.14 -11.34
N LEU A 254 -14.40 -6.46 -12.27
CA LEU A 254 -14.03 -7.24 -13.45
C LEU A 254 -13.08 -6.47 -14.34
N ALA A 255 -13.34 -5.17 -14.51
CA ALA A 255 -12.50 -4.32 -15.34
C ALA A 255 -11.06 -4.27 -14.81
N ALA A 256 -10.92 -4.34 -13.49
CA ALA A 256 -9.61 -4.31 -12.88
C ALA A 256 -8.90 -5.65 -13.13
N ILE A 257 -9.63 -6.74 -12.95
CA ILE A 257 -9.10 -8.07 -13.21
C ILE A 257 -8.66 -8.19 -14.66
N SER A 258 -9.49 -7.66 -15.55
CA SER A 258 -9.23 -7.71 -16.97
C SER A 258 -7.97 -6.94 -17.34
N ALA A 259 -7.55 -6.02 -16.47
CA ALA A 259 -6.35 -5.22 -16.73
C ALA A 259 -5.07 -5.88 -16.22
N ILE A 260 -5.22 -7.02 -15.54
CA ILE A 260 -4.05 -7.66 -14.92
C ILE A 260 -3.33 -8.65 -15.82
N ARG A 261 -2.06 -8.34 -16.11
CA ARG A 261 -1.17 -9.22 -16.86
C ARG A 261 0.25 -8.67 -16.70
N PRO A 262 1.28 -9.53 -16.92
CA PRO A 262 2.67 -9.09 -16.80
C PRO A 262 2.96 -7.82 -17.60
N GLY A 263 3.71 -6.89 -17.01
CA GLY A 263 4.06 -5.67 -17.71
C GLY A 263 3.20 -4.46 -17.33
N VAL A 264 1.96 -4.70 -16.92
CA VAL A 264 1.04 -3.62 -16.53
C VAL A 264 1.42 -2.97 -15.21
N ARG A 265 1.35 -1.65 -15.17
CA ARG A 265 1.63 -0.95 -13.92
C ARG A 265 0.43 -1.06 -13.00
N CYS A 266 0.70 -1.18 -11.70
CA CYS A 266 -0.35 -1.36 -10.72
C CYS A 266 -1.41 -0.26 -10.76
N GLN A 267 -0.96 0.97 -11.03
CA GLN A 267 -1.86 2.12 -11.06
C GLN A 267 -2.86 1.98 -12.19
N GLN A 268 -2.49 1.26 -13.23
CA GLN A 268 -3.37 1.07 -14.37
C GLN A 268 -4.52 0.12 -14.03
N VAL A 269 -4.28 -0.80 -13.10
CA VAL A 269 -5.32 -1.70 -12.63
C VAL A 269 -6.31 -0.92 -11.77
N ASP A 270 -5.78 -0.06 -10.92
CA ASP A 270 -6.61 0.84 -10.13
C ASP A 270 -7.44 1.73 -11.06
N ASP A 271 -6.78 2.25 -12.10
CA ASP A 271 -7.42 3.10 -13.11
C ASP A 271 -8.61 2.42 -13.73
N ALA A 272 -8.49 1.11 -13.93
CA ALA A 272 -9.56 0.34 -14.55
C ALA A 272 -10.79 0.35 -13.67
N ALA A 273 -10.62 0.03 -12.39
CA ALA A 273 -11.75 -0.05 -11.47
C ALA A 273 -12.33 1.34 -11.16
N ARG A 274 -11.43 2.29 -10.88
CA ARG A 274 -11.84 3.60 -10.44
C ARG A 274 -12.57 4.36 -11.54
N ARG A 275 -12.17 4.14 -12.80
CA ARG A 275 -12.80 4.84 -13.93
C ARG A 275 -14.23 4.37 -14.09
N VAL A 276 -14.48 3.08 -13.94
CA VAL A 276 -15.85 2.58 -13.98
C VAL A 276 -16.69 3.24 -12.88
N ILE A 277 -16.19 3.17 -11.66
CA ILE A 277 -16.89 3.74 -10.51
C ILE A 277 -17.02 5.25 -10.64
N THR A 278 -15.99 5.93 -11.13
CA THR A 278 -16.05 7.39 -11.27
C THR A 278 -17.04 7.82 -12.37
N GLU A 279 -16.96 7.18 -13.53
CA GLU A 279 -17.86 7.53 -14.65
C GLU A 279 -19.32 7.22 -14.36
N ALA A 280 -19.56 6.36 -13.37
CA ALA A 280 -20.92 6.04 -12.92
C ALA A 280 -21.46 7.11 -12.00
N GLY A 281 -20.58 7.99 -11.55
CA GLY A 281 -20.97 9.10 -10.69
C GLY A 281 -20.77 8.78 -9.22
N TYR A 282 -19.86 7.86 -8.90
CA TYR A 282 -19.68 7.48 -7.49
C TYR A 282 -18.24 7.57 -7.02
N GLY A 283 -17.42 8.32 -7.74
CA GLY A 283 -16.02 8.49 -7.40
C GLY A 283 -15.78 8.99 -5.97
N ASP A 284 -16.74 9.74 -5.43
CA ASP A 284 -16.52 10.33 -4.14
C ASP A 284 -16.81 9.34 -3.02
N TYR A 285 -17.35 8.17 -3.36
CA TYR A 285 -17.65 7.16 -2.36
C TYR A 285 -16.83 5.88 -2.55
N PHE A 286 -15.71 6.03 -3.25
CA PHE A 286 -14.73 4.97 -3.41
C PHE A 286 -13.40 5.54 -2.95
N GLY A 287 -13.20 5.55 -1.64
CA GLY A 287 -12.08 6.27 -1.07
C GLY A 287 -10.80 5.48 -0.89
N HIS A 288 -10.84 4.17 -1.09
CA HIS A 288 -9.66 3.37 -0.82
C HIS A 288 -9.04 2.74 -2.08
N ASN A 289 -7.90 2.06 -1.91
CA ASN A 289 -7.19 1.46 -3.03
C ASN A 289 -7.97 0.33 -3.67
N THR A 290 -7.65 -0.01 -4.92
CA THR A 290 -8.33 -1.09 -5.61
C THR A 290 -7.89 -2.45 -5.04
N GLY A 291 -6.66 -2.53 -4.55
CA GLY A 291 -6.21 -3.77 -3.95
C GLY A 291 -4.80 -3.70 -3.37
N HIS A 292 -4.32 -4.84 -2.88
CA HIS A 292 -3.01 -4.90 -2.27
C HIS A 292 -2.40 -6.28 -2.49
N ALA A 293 -1.08 -6.34 -2.48
CA ALA A 293 -0.42 -7.64 -2.55
C ALA A 293 -0.70 -8.40 -1.25
N ILE A 294 -0.53 -9.72 -1.28
CA ILE A 294 -0.79 -10.54 -0.10
C ILE A 294 0.18 -11.71 -0.10
N GLY A 295 0.55 -12.20 1.08
CA GLY A 295 1.45 -13.33 1.15
C GLY A 295 1.62 -13.82 2.57
N ILE A 296 2.81 -13.60 3.10
CA ILE A 296 3.06 -13.90 4.51
C ILE A 296 2.22 -12.94 5.33
N GLU A 297 2.08 -11.72 4.82
CA GLU A 297 1.19 -10.73 5.43
C GLU A 297 -0.05 -10.51 4.57
N VAL A 298 -1.11 -10.02 5.21
CA VAL A 298 -2.34 -9.66 4.52
C VAL A 298 -2.12 -8.46 3.58
N HIS A 299 -1.37 -7.47 4.04
CA HIS A 299 -1.05 -6.32 3.18
C HIS A 299 0.42 -6.27 2.82
N GLU A 300 0.73 -6.49 1.54
CA GLU A 300 2.10 -6.36 1.04
C GLU A 300 2.16 -5.46 -0.17
N ASP A 301 3.37 -5.22 -0.64
CA ASP A 301 3.56 -4.44 -1.85
C ASP A 301 3.73 -5.33 -3.08
N PRO A 302 3.38 -4.81 -4.26
CA PRO A 302 2.87 -3.46 -4.56
C PRO A 302 1.38 -3.27 -4.25
N ARG A 303 0.84 -2.08 -4.53
CA ARG A 303 -0.56 -1.81 -4.29
C ARG A 303 -1.26 -1.44 -5.59
N PHE A 304 -2.48 -1.93 -5.77
CA PHE A 304 -3.32 -1.36 -6.81
C PHE A 304 -3.88 -0.01 -6.31
N SER A 305 -3.08 1.04 -6.44
CA SER A 305 -3.46 2.40 -5.99
C SER A 305 -3.17 3.37 -7.13
N PRO A 306 -3.74 4.58 -7.07
CA PRO A 306 -3.46 5.55 -8.15
C PRO A 306 -1.98 5.89 -8.37
N ARG A 307 -1.09 5.60 -7.42
CA ARG A 307 0.26 6.10 -7.51
C ARG A 307 1.37 5.05 -7.69
N ASP A 308 1.02 3.78 -7.53
CA ASP A 308 2.01 2.71 -7.57
C ASP A 308 2.38 2.35 -9.01
N THR A 309 3.64 2.62 -9.39
CA THR A 309 4.04 2.43 -10.76
C THR A 309 4.68 1.06 -10.98
N THR A 310 4.65 0.22 -9.95
CA THR A 310 5.26 -1.11 -10.05
C THR A 310 4.61 -1.94 -11.15
N THR A 311 5.45 -2.57 -11.97
CA THR A 311 4.99 -3.42 -13.07
C THR A 311 4.74 -4.84 -12.58
N LEU A 312 3.68 -5.45 -13.10
CA LEU A 312 3.25 -6.74 -12.61
C LEU A 312 4.13 -7.87 -13.18
N GLN A 313 4.35 -8.90 -12.37
CA GLN A 313 5.22 -10.02 -12.75
C GLN A 313 4.52 -11.30 -12.37
N PRO A 314 4.73 -12.37 -13.14
CA PRO A 314 4.12 -13.65 -12.78
C PRO A 314 4.57 -14.12 -11.41
N GLY A 315 3.67 -14.67 -10.61
CA GLY A 315 4.07 -15.11 -9.30
C GLY A 315 3.69 -14.13 -8.22
N MET A 316 3.32 -12.91 -8.63
CA MET A 316 2.75 -11.94 -7.70
C MET A 316 1.29 -12.29 -7.43
N LEU A 317 0.84 -12.03 -6.20
CA LEU A 317 -0.58 -12.16 -5.87
C LEU A 317 -1.10 -10.88 -5.22
N LEU A 318 -2.19 -10.37 -5.77
CA LEU A 318 -2.78 -9.16 -5.25
C LEU A 318 -4.29 -9.29 -5.14
N THR A 319 -4.90 -8.47 -4.28
CA THR A 319 -6.36 -8.47 -4.18
C THR A 319 -6.94 -7.46 -5.14
N VAL A 320 -8.18 -7.71 -5.59
CA VAL A 320 -8.96 -6.71 -6.34
C VAL A 320 -10.28 -6.49 -5.60
N GLU A 321 -10.42 -5.34 -4.94
CA GLU A 321 -11.54 -5.10 -4.03
C GLU A 321 -12.09 -3.68 -4.05
N PRO A 322 -12.65 -3.25 -5.20
CA PRO A 322 -13.24 -1.91 -5.23
C PRO A 322 -14.56 -1.91 -4.48
N GLY A 323 -15.06 -0.73 -4.12
CA GLY A 323 -16.32 -0.64 -3.42
C GLY A 323 -16.94 0.74 -3.47
N ILE A 324 -18.23 0.82 -3.19
CA ILE A 324 -18.93 2.08 -3.10
C ILE A 324 -19.66 2.13 -1.78
N TYR A 325 -19.45 3.20 -1.02
CA TYR A 325 -19.98 3.28 0.33
C TYR A 325 -20.87 4.51 0.48
N LEU A 326 -22.15 4.26 0.76
CA LEU A 326 -23.17 5.30 0.82
C LEU A 326 -23.76 5.44 2.20
N PRO A 327 -23.26 6.42 2.96
CA PRO A 327 -23.68 6.74 4.32
C PRO A 327 -25.21 6.87 4.45
N GLY A 328 -25.80 6.09 5.35
CA GLY A 328 -27.22 6.13 5.55
C GLY A 328 -27.95 5.08 4.76
N GLN A 329 -27.28 4.53 3.74
CA GLN A 329 -27.90 3.51 2.89
C GLN A 329 -27.22 2.16 2.97
N GLY A 330 -25.89 2.15 2.92
CA GLY A 330 -25.17 0.90 2.93
C GLY A 330 -23.98 0.99 1.99
N GLY A 331 -23.47 -0.16 1.58
CA GLY A 331 -22.33 -0.17 0.67
C GLY A 331 -22.10 -1.55 0.09
N VAL A 332 -21.28 -1.61 -0.95
CA VAL A 332 -20.97 -2.89 -1.60
C VAL A 332 -19.48 -2.97 -1.89
N ARG A 333 -18.88 -4.09 -1.49
CA ARG A 333 -17.51 -4.42 -1.88
C ARG A 333 -17.43 -5.86 -2.31
N ILE A 334 -16.62 -6.10 -3.34
CA ILE A 334 -16.37 -7.46 -3.81
C ILE A 334 -14.87 -7.66 -3.96
N GLU A 335 -14.33 -8.67 -3.26
CA GLU A 335 -12.88 -8.87 -3.24
C GLU A 335 -12.43 -10.27 -3.66
N ASP A 336 -11.50 -10.31 -4.60
CA ASP A 336 -10.84 -11.54 -5.00
C ASP A 336 -9.34 -11.46 -4.73
N VAL A 337 -8.71 -12.61 -4.46
CA VAL A 337 -7.26 -12.68 -4.54
C VAL A 337 -6.92 -13.15 -5.96
N VAL A 338 -6.04 -12.42 -6.63
CA VAL A 338 -5.71 -12.73 -8.02
C VAL A 338 -4.23 -13.04 -8.22
N LEU A 339 -3.94 -14.21 -8.81
CA LEU A 339 -2.57 -14.57 -9.15
C LEU A 339 -2.23 -14.02 -10.52
N VAL A 340 -1.14 -13.24 -10.60
CA VAL A 340 -0.68 -12.81 -11.91
C VAL A 340 -0.07 -14.06 -12.57
N THR A 341 -0.54 -14.37 -13.78
CA THR A 341 -0.06 -15.55 -14.47
C THR A 341 0.85 -15.12 -15.59
N PRO A 342 1.61 -16.08 -16.15
CA PRO A 342 2.47 -15.76 -17.30
C PRO A 342 1.76 -15.07 -18.45
N GLN A 343 0.52 -15.48 -18.70
CA GLN A 343 -0.28 -14.94 -19.79
C GLN A 343 -1.14 -13.74 -19.36
N GLY A 344 -1.78 -13.83 -18.19
CA GLY A 344 -2.63 -12.77 -17.68
C GLY A 344 -3.00 -12.87 -16.20
N ALA A 345 -4.23 -13.25 -15.89
CA ALA A 345 -4.66 -13.33 -14.48
C ALA A 345 -5.54 -14.53 -14.13
N GLU A 346 -5.43 -15.00 -12.89
CA GLU A 346 -6.25 -16.12 -12.42
C GLU A 346 -6.88 -15.80 -11.07
N VAL A 347 -8.21 -15.83 -11.00
CA VAL A 347 -8.93 -15.62 -9.76
C VAL A 347 -8.95 -16.90 -8.94
N LEU A 348 -8.56 -16.82 -7.67
CA LEU A 348 -8.43 -18.02 -6.87
C LEU A 348 -9.68 -18.34 -6.05
N TYR A 349 -10.78 -17.64 -6.32
CA TYR A 349 -12.06 -17.91 -5.66
C TYR A 349 -13.08 -18.36 -6.69
N ALA A 350 -13.91 -19.33 -6.35
CA ALA A 350 -14.90 -19.85 -7.29
C ALA A 350 -16.28 -19.23 -7.03
N MET A 351 -16.45 -18.73 -5.81
CA MET A 351 -17.67 -18.03 -5.41
C MET A 351 -18.12 -16.98 -6.40
N PRO A 352 -19.37 -17.09 -6.87
CA PRO A 352 -19.93 -16.10 -7.79
C PRO A 352 -20.03 -14.72 -7.13
N LYS A 353 -19.99 -13.69 -7.95
CA LYS A 353 -19.92 -12.31 -7.47
C LYS A 353 -21.15 -11.51 -7.93
N THR A 354 -22.12 -12.21 -8.51
CA THR A 354 -23.42 -11.61 -8.79
C THR A 354 -24.20 -11.56 -7.48
N VAL A 355 -25.38 -10.96 -7.45
CA VAL A 355 -26.09 -10.87 -6.19
C VAL A 355 -26.62 -12.23 -5.78
N LEU A 356 -26.22 -12.71 -4.61
CA LEU A 356 -26.66 -14.02 -4.16
C LEU A 356 -27.54 -13.84 -2.92
N LEU A 357 -28.54 -14.71 -2.79
CA LEU A 357 -29.41 -14.67 -1.62
C LEU A 357 -28.83 -15.62 -0.57
N THR A 358 -29.11 -15.34 0.70
CA THR A 358 -28.60 -16.18 1.77
C THR A 358 -29.53 -17.36 2.00
N GLY A 359 -29.12 -18.28 2.88
CA GLY A 359 -29.99 -19.32 3.38
C GLY A 359 -30.22 -20.55 2.52
N GLU A 360 -31.28 -21.28 2.87
CA GLU A 360 -31.67 -22.54 2.23
C GLU A 360 -30.50 -23.52 2.29
N SER B 1 -16.08 8.71 -24.47
CA SER B 1 -16.66 8.78 -25.80
C SER B 1 -16.55 10.19 -26.38
N THR B 2 -15.87 11.07 -25.65
CA THR B 2 -15.67 12.44 -26.11
C THR B 2 -14.80 12.44 -27.37
N LEU B 3 -13.77 11.59 -27.36
CA LEU B 3 -12.93 11.37 -28.53
C LEU B 3 -13.81 10.91 -29.71
N LEU B 4 -14.70 9.96 -29.45
CA LEU B 4 -15.57 9.42 -30.49
C LEU B 4 -16.60 10.43 -30.98
N ALA B 5 -17.11 11.27 -30.06
CA ALA B 5 -18.08 12.29 -30.41
C ALA B 5 -17.46 13.33 -31.33
N SER B 6 -16.27 13.79 -30.96
CA SER B 6 -15.53 14.75 -31.77
C SER B 6 -15.25 14.22 -33.17
N LEU B 7 -14.95 12.93 -33.25
CA LEU B 7 -14.65 12.30 -34.53
C LEU B 7 -15.89 12.19 -35.42
N ARG B 8 -17.00 11.80 -34.82
CA ARG B 8 -18.25 11.63 -35.55
C ARG B 8 -18.81 12.96 -36.02
N ASP B 9 -18.58 14.02 -35.23
CA ASP B 9 -18.95 15.37 -35.64
C ASP B 9 -18.19 15.72 -36.89
N TRP B 10 -16.92 15.34 -36.90
CA TRP B 10 -16.04 15.58 -38.04
C TRP B 10 -16.54 14.77 -39.24
N LEU B 11 -16.96 13.53 -39.01
CA LEU B 11 -17.56 12.72 -40.06
C LEU B 11 -18.77 13.45 -40.66
N LYS B 12 -19.67 13.93 -39.81
CA LYS B 12 -20.86 14.66 -40.26
C LYS B 12 -20.48 15.89 -41.07
N ALA B 13 -19.55 16.68 -40.55
CA ALA B 13 -19.11 17.90 -41.23
C ALA B 13 -18.41 17.61 -42.56
N GLN B 14 -17.77 16.44 -42.67
CA GLN B 14 -17.03 16.09 -43.88
C GLN B 14 -17.88 15.29 -44.85
N GLN B 15 -19.12 14.99 -44.45
CA GLN B 15 -20.05 14.23 -45.29
C GLN B 15 -19.56 12.80 -45.49
N LEU B 16 -19.13 12.16 -44.41
CA LEU B 16 -18.58 10.81 -44.47
C LEU B 16 -19.39 9.87 -43.58
N ASP B 17 -19.53 8.62 -44.02
CA ASP B 17 -20.23 7.61 -43.25
C ASP B 17 -19.32 7.00 -42.19
N ALA B 18 -18.05 6.86 -42.55
CA ALA B 18 -17.05 6.27 -41.67
C ALA B 18 -15.64 6.70 -42.09
N VAL B 19 -14.68 6.46 -41.22
CA VAL B 19 -13.28 6.76 -41.54
C VAL B 19 -12.39 5.57 -41.19
N LEU B 20 -11.42 5.29 -42.05
CA LEU B 20 -10.41 4.26 -41.80
C LEU B 20 -9.13 4.95 -41.35
N LEU B 21 -8.76 4.73 -40.09
CA LEU B 21 -7.55 5.35 -39.56
C LEU B 21 -6.36 4.39 -39.63
N SER B 22 -5.29 4.83 -40.29
CA SER B 22 -4.15 3.97 -40.52
C SER B 22 -2.85 4.53 -39.93
N SER B 23 -2.70 5.85 -39.90
CA SER B 23 -1.47 6.45 -39.40
C SER B 23 -1.28 6.15 -37.93
N ARG B 24 -0.03 5.94 -37.52
CA ARG B 24 0.23 5.55 -36.14
C ARG B 24 -0.24 6.63 -35.16
N GLN B 25 -0.09 7.89 -35.55
CA GLN B 25 -0.38 9.02 -34.68
C GLN B 25 -1.88 9.24 -34.50
N ASN B 26 -2.69 8.92 -35.52
CA ASN B 26 -4.12 9.12 -35.42
C ASN B 26 -4.84 7.91 -34.84
N LYS B 27 -4.12 6.79 -34.70
CA LYS B 27 -4.68 5.59 -34.08
C LYS B 27 -4.37 5.57 -32.58
N GLN B 28 -3.27 6.22 -32.22
CA GLN B 28 -2.74 6.18 -30.85
C GLN B 28 -3.80 6.49 -29.76
N PRO B 29 -4.63 7.54 -29.96
CA PRO B 29 -5.64 7.81 -28.91
C PRO B 29 -6.61 6.66 -28.69
N HIS B 30 -6.90 5.90 -29.75
CA HIS B 30 -7.85 4.80 -29.65
C HIS B 30 -7.16 3.53 -29.19
N LEU B 31 -5.93 3.33 -29.65
CA LEU B 31 -5.21 2.10 -29.38
C LEU B 31 -4.47 2.13 -28.05
N GLY B 32 -3.98 3.32 -27.68
CA GLY B 32 -3.19 3.43 -26.47
C GLY B 32 -1.74 3.10 -26.77
N ILE B 33 -1.46 2.73 -28.02
CA ILE B 33 -0.09 2.49 -28.45
C ILE B 33 0.16 3.14 -29.80
N SER B 34 1.43 3.20 -30.19
CA SER B 34 1.81 3.75 -31.49
C SER B 34 2.35 2.67 -32.40
N THR B 35 1.57 2.29 -33.41
CA THR B 35 1.97 1.25 -34.36
C THR B 35 1.66 1.62 -35.80
N GLY B 36 2.51 1.21 -36.71
CA GLY B 36 2.23 1.36 -38.13
C GLY B 36 1.16 0.35 -38.50
N SER B 37 1.25 -0.83 -37.90
CA SER B 37 0.26 -1.89 -38.13
C SER B 37 -1.06 -1.54 -37.46
N GLY B 38 -2.12 -2.25 -37.84
CA GLY B 38 -3.41 -2.09 -37.20
C GLY B 38 -4.22 -0.94 -37.77
N TYR B 39 -5.52 -0.97 -37.53
CA TYR B 39 -6.44 0.04 -38.05
C TYR B 39 -7.51 0.43 -37.04
N VAL B 40 -8.08 1.61 -37.23
CA VAL B 40 -9.23 2.01 -36.44
C VAL B 40 -10.33 2.44 -37.39
N VAL B 41 -11.51 1.84 -37.24
CA VAL B 41 -12.66 2.20 -38.07
C VAL B 41 -13.76 2.80 -37.20
N ILE B 42 -14.10 4.05 -37.48
CA ILE B 42 -15.15 4.74 -36.76
C ILE B 42 -16.28 5.10 -37.71
N SER B 43 -17.49 4.64 -37.37
CA SER B 43 -18.69 5.04 -38.08
C SER B 43 -19.52 5.97 -37.20
N ARG B 44 -20.63 6.46 -37.74
CA ARG B 44 -21.56 7.28 -36.97
C ARG B 44 -22.25 6.43 -35.91
N GLU B 45 -22.25 5.12 -36.15
CA GLU B 45 -23.04 4.20 -35.33
C GLU B 45 -22.17 3.26 -34.51
N SER B 46 -20.94 3.04 -34.97
CA SER B 46 -20.05 2.08 -34.31
C SER B 46 -18.59 2.46 -34.35
N ALA B 47 -17.79 1.75 -33.57
CA ALA B 47 -16.36 2.01 -33.46
C ALA B 47 -15.63 0.68 -33.44
N HIS B 48 -14.65 0.52 -34.32
CA HIS B 48 -13.96 -0.76 -34.46
C HIS B 48 -12.44 -0.63 -34.37
N ILE B 49 -11.81 -1.64 -33.78
CA ILE B 49 -10.36 -1.71 -33.70
C ILE B 49 -9.84 -2.99 -34.36
N LEU B 50 -8.83 -2.84 -35.20
CA LEU B 50 -8.24 -3.97 -35.92
C LEU B 50 -6.75 -4.05 -35.61
N VAL B 51 -6.36 -5.05 -34.85
CA VAL B 51 -4.95 -5.29 -34.57
C VAL B 51 -4.69 -6.77 -34.72
N ASP B 52 -3.43 -7.14 -34.96
CA ASP B 52 -3.07 -8.55 -35.04
C ASP B 52 -2.71 -9.06 -33.66
N SER B 53 -2.35 -10.34 -33.58
CA SER B 53 -2.16 -11.03 -32.30
C SER B 53 -1.15 -10.38 -31.34
N ARG B 54 -0.28 -9.51 -31.85
CA ARG B 54 0.74 -8.90 -31.01
C ARG B 54 0.17 -7.93 -29.99
N TYR B 55 -0.93 -7.27 -30.34
CA TYR B 55 -1.45 -6.18 -29.54
C TYR B 55 -2.86 -6.49 -29.07
N TYR B 56 -3.43 -7.60 -29.58
CA TYR B 56 -4.82 -7.91 -29.34
C TYR B 56 -5.16 -7.96 -27.86
N VAL B 57 -4.41 -8.76 -27.10
CA VAL B 57 -4.77 -8.99 -25.71
C VAL B 57 -4.73 -7.70 -24.87
N GLU B 58 -3.71 -6.86 -25.08
CA GLU B 58 -3.57 -5.67 -24.26
C GLU B 58 -4.55 -4.55 -24.67
N VAL B 59 -4.84 -4.45 -25.96
CA VAL B 59 -5.76 -3.41 -26.43
C VAL B 59 -7.17 -3.77 -25.93
N GLU B 60 -7.49 -5.07 -25.97
CA GLU B 60 -8.81 -5.55 -25.57
C GLU B 60 -9.19 -5.07 -24.17
N ALA B 61 -8.18 -4.96 -23.31
CA ALA B 61 -8.39 -4.49 -21.95
C ALA B 61 -8.89 -3.06 -21.92
N ARG B 62 -8.07 -2.13 -22.40
CA ARG B 62 -8.41 -0.71 -22.33
C ARG B 62 -9.50 -0.28 -23.31
N ALA B 63 -9.56 -0.91 -24.48
CA ALA B 63 -10.42 -0.44 -25.54
C ALA B 63 -11.87 -0.81 -25.31
N GLN B 64 -12.43 -0.33 -24.21
CA GLN B 64 -13.87 -0.46 -23.99
C GLN B 64 -14.55 0.60 -24.85
N GLY B 65 -15.66 0.23 -25.47
CA GLY B 65 -16.36 1.14 -26.35
C GLY B 65 -16.00 0.89 -27.79
N TYR B 66 -15.04 0.00 -28.02
CA TYR B 66 -14.65 -0.37 -29.38
C TYR B 66 -14.92 -1.85 -29.61
N GLN B 67 -15.23 -2.21 -30.84
CA GLN B 67 -15.32 -3.61 -31.23
C GLN B 67 -13.97 -4.06 -31.75
N LEU B 68 -13.48 -5.19 -31.24
CA LEU B 68 -12.14 -5.64 -31.55
C LEU B 68 -12.15 -6.73 -32.60
N HIS B 69 -11.31 -6.56 -33.62
CA HIS B 69 -11.19 -7.56 -34.65
C HIS B 69 -9.75 -8.04 -34.71
N LEU B 70 -9.57 -9.35 -34.71
CA LEU B 70 -8.23 -9.91 -34.80
C LEU B 70 -7.78 -9.98 -36.25
N LEU B 71 -6.58 -9.48 -36.50
CA LEU B 71 -5.99 -9.57 -37.82
C LEU B 71 -5.18 -10.84 -37.92
N ASP B 72 -5.57 -11.72 -38.84
CA ASP B 72 -4.81 -12.91 -39.14
C ASP B 72 -4.91 -13.26 -40.62
N ALA B 73 -4.49 -14.47 -40.97
CA ALA B 73 -4.50 -14.91 -42.37
C ALA B 73 -5.89 -14.88 -42.99
N THR B 74 -6.89 -15.35 -42.26
CA THR B 74 -8.25 -15.44 -42.79
C THR B 74 -9.01 -14.11 -42.65
N ASN B 75 -8.83 -13.42 -41.53
CA ASN B 75 -9.52 -12.17 -41.29
C ASN B 75 -8.61 -10.97 -41.50
N THR B 76 -8.82 -10.28 -42.61
CA THR B 76 -7.94 -9.19 -43.00
C THR B 76 -8.68 -7.87 -42.96
N LEU B 77 -7.93 -6.79 -43.16
CA LEU B 77 -8.50 -5.46 -43.31
C LEU B 77 -9.66 -5.48 -44.30
N THR B 78 -9.43 -6.12 -45.43
CA THR B 78 -10.44 -6.19 -46.48
C THR B 78 -11.67 -6.97 -46.02
N THR B 79 -11.48 -8.18 -45.49
CA THR B 79 -12.62 -9.01 -45.08
C THR B 79 -13.42 -8.36 -43.94
N ILE B 80 -12.73 -7.68 -43.04
CA ILE B 80 -13.37 -7.10 -41.87
C ILE B 80 -14.14 -5.82 -42.21
N VAL B 81 -13.48 -4.89 -42.93
CA VAL B 81 -14.12 -3.63 -43.28
C VAL B 81 -15.28 -3.80 -44.25
N ASN B 82 -15.13 -4.68 -45.25
CA ASN B 82 -16.21 -4.94 -46.20
C ASN B 82 -17.43 -5.51 -45.49
N GLN B 83 -17.18 -6.29 -44.45
CA GLN B 83 -18.27 -6.78 -43.61
C GLN B 83 -18.97 -5.62 -42.90
N ILE B 84 -18.17 -4.71 -42.34
CA ILE B 84 -18.71 -3.54 -41.66
C ILE B 84 -19.47 -2.63 -42.63
N ILE B 85 -18.93 -2.47 -43.84
CA ILE B 85 -19.60 -1.68 -44.88
C ILE B 85 -20.97 -2.28 -45.17
N ALA B 86 -21.05 -3.60 -45.15
CA ALA B 86 -22.29 -4.30 -45.43
C ALA B 86 -23.31 -4.10 -44.31
N ASP B 87 -22.88 -4.33 -43.07
CA ASP B 87 -23.79 -4.29 -41.92
C ASP B 87 -24.44 -2.93 -41.71
N GLU B 88 -23.71 -1.87 -42.08
CA GLU B 88 -24.20 -0.52 -41.86
C GLU B 88 -24.44 0.24 -43.16
N GLN B 89 -24.44 -0.49 -44.28
CA GLN B 89 -24.61 0.07 -45.61
C GLN B 89 -23.85 1.39 -45.80
N LEU B 90 -22.53 1.32 -45.71
CA LEU B 90 -21.70 2.51 -45.87
C LEU B 90 -21.47 2.82 -47.34
N GLN B 91 -21.59 4.09 -47.69
CA GLN B 91 -21.36 4.52 -49.07
C GLN B 91 -19.98 5.16 -49.21
N THR B 92 -19.68 6.10 -48.31
CA THR B 92 -18.40 6.77 -48.35
C THR B 92 -17.50 6.33 -47.20
N LEU B 93 -16.21 6.20 -47.49
CA LEU B 93 -15.25 5.82 -46.46
C LEU B 93 -14.04 6.73 -46.52
N GLY B 94 -13.79 7.46 -45.44
CA GLY B 94 -12.66 8.35 -45.39
C GLY B 94 -11.39 7.59 -45.08
N PHE B 95 -10.29 8.01 -45.68
CA PHE B 95 -8.96 7.45 -45.41
C PHE B 95 -7.91 8.54 -45.43
N GLU B 96 -6.81 8.33 -44.71
CA GLU B 96 -5.77 9.36 -44.59
C GLU B 96 -4.90 9.44 -45.83
N GLY B 97 -5.38 10.19 -46.82
CA GLY B 97 -4.70 10.32 -48.10
C GLY B 97 -3.33 10.94 -48.06
N GLN B 98 -2.96 11.53 -46.93
CA GLN B 98 -1.63 12.09 -46.80
C GLN B 98 -0.69 11.16 -46.06
N GLN B 99 -1.23 10.05 -45.59
CA GLN B 99 -0.44 9.13 -44.79
C GLN B 99 -0.36 7.77 -45.47
N VAL B 100 -1.32 7.50 -46.35
CA VAL B 100 -1.37 6.25 -47.08
C VAL B 100 -0.72 6.41 -48.43
N SER B 101 0.11 5.45 -48.82
CA SER B 101 0.81 5.49 -50.12
C SER B 101 -0.16 5.38 -51.29
N TRP B 102 0.27 5.87 -52.45
CA TRP B 102 -0.53 5.79 -53.67
C TRP B 102 -0.99 4.38 -53.95
N GLU B 103 -0.05 3.45 -53.83
CA GLU B 103 -0.33 2.05 -54.14
C GLU B 103 -1.31 1.43 -53.17
N THR B 104 -1.12 1.69 -51.89
CA THR B 104 -1.99 1.09 -50.88
C THR B 104 -3.42 1.60 -51.05
N ALA B 105 -3.56 2.90 -51.25
CA ALA B 105 -4.88 3.50 -51.43
C ALA B 105 -5.55 2.99 -52.70
N HIS B 106 -4.79 2.89 -53.78
CA HIS B 106 -5.34 2.38 -55.03
C HIS B 106 -5.86 0.95 -54.84
N ARG B 107 -5.09 0.15 -54.14
CA ARG B 107 -5.51 -1.21 -53.80
C ARG B 107 -6.74 -1.25 -52.90
N TRP B 108 -6.78 -0.40 -51.88
CA TRP B 108 -7.95 -0.31 -51.01
C TRP B 108 -9.18 0.07 -51.81
N GLN B 109 -9.03 1.07 -52.67
CA GLN B 109 -10.12 1.62 -53.47
C GLN B 109 -10.84 0.56 -54.31
N SER B 110 -10.14 -0.52 -54.67
CA SER B 110 -10.74 -1.55 -55.48
C SER B 110 -11.25 -2.72 -54.63
N GLU B 111 -10.59 -2.97 -53.50
CA GLU B 111 -10.95 -4.11 -52.66
C GLU B 111 -12.06 -3.77 -51.68
N LEU B 112 -12.27 -2.48 -51.43
CA LEU B 112 -13.25 -2.07 -50.42
C LEU B 112 -14.54 -1.60 -51.06
N ASN B 113 -15.64 -2.20 -50.64
CA ASN B 113 -16.96 -1.96 -51.22
C ASN B 113 -17.57 -0.63 -50.79
N ALA B 114 -16.84 0.45 -51.02
CA ALA B 114 -17.30 1.78 -50.65
C ALA B 114 -16.48 2.80 -51.42
N LYS B 115 -16.97 4.03 -51.49
CA LYS B 115 -16.19 5.06 -52.16
C LYS B 115 -15.22 5.69 -51.17
N LEU B 116 -13.93 5.52 -51.46
CA LEU B 116 -12.90 6.05 -50.60
C LEU B 116 -12.61 7.49 -50.96
N VAL B 117 -12.62 8.35 -49.95
CA VAL B 117 -12.36 9.77 -50.13
C VAL B 117 -11.26 10.20 -49.18
N SER B 118 -10.27 10.90 -49.71
CA SER B 118 -9.14 11.37 -48.92
C SER B 118 -9.62 12.45 -47.95
N ALA B 119 -9.50 12.15 -46.66
CA ALA B 119 -9.86 13.07 -45.60
C ALA B 119 -8.75 13.10 -44.56
N THR B 120 -8.61 14.21 -43.85
CA THR B 120 -7.54 14.33 -42.86
C THR B 120 -8.12 14.76 -41.53
N PRO B 121 -8.05 13.88 -40.52
CA PRO B 121 -8.63 14.16 -39.21
C PRO B 121 -7.65 14.86 -38.26
N ASP B 122 -6.49 15.25 -38.80
CA ASP B 122 -5.42 15.88 -38.03
C ASP B 122 -5.86 17.12 -37.27
N VAL B 123 -6.90 17.78 -37.78
CA VAL B 123 -7.38 19.01 -37.19
C VAL B 123 -7.92 18.74 -35.79
N LEU B 124 -8.41 17.53 -35.56
CA LEU B 124 -8.98 17.17 -34.28
C LEU B 124 -7.96 17.17 -33.15
N ARG B 125 -6.69 17.08 -33.49
CA ARG B 125 -5.64 17.02 -32.48
C ARG B 125 -5.12 18.38 -32.04
N GLN B 126 -5.59 19.44 -32.70
CA GLN B 126 -5.13 20.80 -32.43
C GLN B 126 -5.39 21.25 -30.99
N ILE B 127 -6.58 20.98 -30.48
CA ILE B 127 -6.88 21.28 -29.08
C ILE B 127 -6.73 20.01 -28.25
N LYS B 128 -5.90 20.06 -27.21
CA LYS B 128 -5.61 18.88 -26.43
C LYS B 128 -6.58 18.72 -25.28
N THR B 129 -6.84 17.48 -24.89
CA THR B 129 -7.62 17.23 -23.69
C THR B 129 -6.71 17.40 -22.48
N PRO B 130 -7.30 17.69 -21.30
CA PRO B 130 -6.52 17.81 -20.07
C PRO B 130 -5.56 16.64 -19.87
N GLU B 131 -5.99 15.45 -20.25
CA GLU B 131 -5.16 14.27 -20.08
C GLU B 131 -3.89 14.39 -20.92
N GLU B 132 -4.05 14.93 -22.12
CA GLU B 132 -2.95 15.11 -23.06
C GLU B 132 -1.98 16.20 -22.58
N VAL B 133 -2.57 17.30 -22.10
CA VAL B 133 -1.81 18.42 -21.57
C VAL B 133 -0.88 17.92 -20.46
N GLU B 134 -1.40 17.02 -19.63
CA GLU B 134 -0.59 16.48 -18.55
C GLU B 134 0.57 15.64 -19.08
N LYS B 135 0.31 14.84 -20.11
CA LYS B 135 1.34 14.03 -20.74
C LYS B 135 2.44 14.88 -21.37
N ILE B 136 2.03 15.95 -22.05
CA ILE B 136 2.98 16.86 -22.67
C ILE B 136 3.79 17.57 -21.59
N ARG B 137 3.13 17.96 -20.50
CA ARG B 137 3.83 18.57 -19.37
C ARG B 137 4.94 17.68 -18.84
N LEU B 138 4.66 16.39 -18.75
CA LEU B 138 5.62 15.48 -18.17
C LEU B 138 6.77 15.34 -19.14
N ALA B 139 6.44 15.32 -20.43
CA ALA B 139 7.46 15.34 -21.49
C ALA B 139 8.32 16.60 -21.35
N CYS B 140 7.66 17.73 -21.16
CA CYS B 140 8.36 18.99 -21.00
C CYS B 140 9.25 18.98 -19.76
N GLY B 141 8.74 18.39 -18.69
CA GLY B 141 9.52 18.28 -17.46
C GLY B 141 10.82 17.54 -17.69
N ILE B 142 10.75 16.43 -18.42
CA ILE B 142 11.93 15.65 -18.71
C ILE B 142 12.97 16.48 -19.46
N ALA B 143 12.52 17.21 -20.47
CA ALA B 143 13.45 18.06 -21.20
C ALA B 143 14.01 19.14 -20.28
N ASP B 144 13.12 19.79 -19.52
CA ASP B 144 13.49 20.93 -18.67
C ASP B 144 14.66 20.54 -17.76
N ARG B 145 14.57 19.34 -17.20
CA ARG B 145 15.59 18.85 -16.30
C ARG B 145 16.84 18.49 -17.08
N GLY B 146 16.67 17.98 -18.30
CA GLY B 146 17.79 17.68 -19.16
C GLY B 146 18.58 18.93 -19.47
N ALA B 147 17.88 20.03 -19.72
CA ALA B 147 18.55 21.30 -19.99
C ALA B 147 19.49 21.65 -18.83
N GLU B 148 18.95 21.64 -17.62
CA GLU B 148 19.76 21.96 -16.45
C GLU B 148 20.92 20.98 -16.30
N HIS B 149 20.64 19.70 -16.53
CA HIS B 149 21.68 18.68 -16.40
C HIS B 149 22.80 18.91 -17.41
N ILE B 150 22.43 19.22 -18.65
CA ILE B 150 23.43 19.35 -19.70
C ILE B 150 24.21 20.66 -19.56
N ARG B 151 23.59 21.69 -18.96
CA ARG B 151 24.33 22.92 -18.77
C ARG B 151 25.47 22.72 -17.77
N ARG B 152 25.20 21.96 -16.71
CA ARG B 152 26.21 21.71 -15.68
C ARG B 152 27.28 20.75 -16.19
N PHE B 153 26.91 19.90 -17.13
CA PHE B 153 27.76 18.83 -17.64
C PHE B 153 28.80 19.32 -18.65
N ILE B 154 28.43 20.32 -19.45
CA ILE B 154 29.26 20.74 -20.58
C ILE B 154 30.62 21.29 -20.17
N GLN B 155 31.67 20.77 -20.78
CA GLN B 155 33.02 21.26 -20.53
C GLN B 155 33.67 21.62 -21.86
N ALA B 156 34.40 22.73 -21.90
CA ALA B 156 35.18 23.05 -23.08
C ALA B 156 36.08 21.86 -23.37
N GLY B 157 36.04 21.38 -24.61
CA GLY B 157 36.79 20.20 -24.98
C GLY B 157 35.92 19.05 -25.42
N MET B 158 34.68 19.02 -24.92
CA MET B 158 33.75 17.98 -25.35
C MET B 158 33.36 18.23 -26.81
N SER B 159 33.02 17.15 -27.51
CA SER B 159 32.49 17.29 -28.86
C SER B 159 30.99 17.47 -28.75
N GLU B 160 30.38 18.05 -29.79
CA GLU B 160 28.93 18.22 -29.80
C GLU B 160 28.19 16.88 -29.68
N ARG B 161 28.74 15.86 -30.32
CA ARG B 161 28.16 14.53 -30.29
C ARG B 161 28.18 13.98 -28.87
N GLU B 162 29.28 14.22 -28.16
CA GLU B 162 29.37 13.77 -26.77
C GLU B 162 28.30 14.39 -25.91
N ILE B 163 28.12 15.70 -26.08
CA ILE B 163 27.11 16.42 -25.34
C ILE B 163 25.73 15.89 -25.67
N ALA B 164 25.49 15.64 -26.95
CA ALA B 164 24.23 15.08 -27.38
C ALA B 164 23.99 13.72 -26.73
N ALA B 165 25.04 12.89 -26.69
CA ALA B 165 24.91 11.55 -26.12
C ALA B 165 24.50 11.60 -24.66
N GLU B 166 25.14 12.50 -23.90
CA GLU B 166 24.83 12.64 -22.49
C GLU B 166 23.39 13.09 -22.29
N LEU B 167 22.95 14.05 -23.08
CA LEU B 167 21.59 14.59 -22.94
C LEU B 167 20.50 13.55 -23.25
N GLU B 168 20.71 12.78 -24.31
CA GLU B 168 19.77 11.72 -24.65
C GLU B 168 19.77 10.65 -23.56
N TRP B 169 20.96 10.32 -23.07
CA TRP B 169 21.11 9.38 -21.97
C TRP B 169 20.34 9.86 -20.74
N PHE B 170 20.50 11.13 -20.40
CA PHE B 170 19.85 11.67 -19.22
C PHE B 170 18.33 11.59 -19.34
N MET B 171 17.80 11.92 -20.51
CA MET B 171 16.36 11.82 -20.74
C MET B 171 15.84 10.40 -20.57
N ARG B 172 16.59 9.42 -21.06
CA ARG B 172 16.19 8.03 -20.87
C ARG B 172 16.10 7.67 -19.39
N GLN B 173 17.17 7.94 -18.65
CA GLN B 173 17.18 7.68 -17.23
C GLN B 173 15.97 8.30 -16.52
N GLN B 174 15.48 9.40 -17.08
CA GLN B 174 14.34 10.12 -16.53
C GLN B 174 13.03 9.55 -17.04
N GLY B 175 13.12 8.48 -17.83
CA GLY B 175 11.93 7.79 -18.27
C GLY B 175 11.53 8.01 -19.72
N ALA B 176 12.34 8.74 -20.48
CA ALA B 176 11.96 9.00 -21.87
C ALA B 176 12.04 7.72 -22.67
N GLU B 177 11.12 7.58 -23.60
CA GLU B 177 11.11 6.41 -24.46
C GLU B 177 12.27 6.51 -25.44
N LYS B 178 12.51 7.74 -25.87
CA LYS B 178 13.60 8.12 -26.77
C LYS B 178 13.51 9.61 -27.03
N ALA B 179 14.46 10.17 -27.77
CA ALA B 179 14.39 11.57 -28.13
C ALA B 179 13.26 11.75 -29.14
N SER B 180 12.52 12.86 -29.06
CA SER B 180 11.40 13.08 -29.98
C SER B 180 11.90 13.43 -31.40
N PHE B 181 13.16 13.81 -31.50
CA PHE B 181 13.78 14.09 -32.79
C PHE B 181 15.30 14.15 -32.66
N ASP B 182 16.00 14.10 -33.78
CA ASP B 182 17.47 14.09 -33.76
C ASP B 182 18.05 15.33 -33.08
N THR B 183 18.81 15.12 -32.01
CA THR B 183 19.32 16.19 -31.18
C THR B 183 20.23 17.17 -31.93
N ILE B 184 19.96 18.45 -31.74
CA ILE B 184 20.78 19.49 -32.30
C ILE B 184 21.73 20.02 -31.23
N VAL B 185 23.03 19.96 -31.51
CA VAL B 185 24.01 20.65 -30.68
C VAL B 185 24.91 21.46 -31.61
N ALA B 186 24.69 22.77 -31.64
CA ALA B 186 25.35 23.63 -32.61
C ALA B 186 26.19 24.69 -31.91
N SER B 187 27.51 24.51 -31.93
CA SER B 187 28.45 25.39 -31.25
C SER B 187 29.23 26.30 -32.21
N GLY B 188 29.52 27.51 -31.75
CA GLY B 188 30.31 28.47 -32.51
C GLY B 188 29.67 28.73 -33.86
N TRP B 189 30.48 28.67 -34.92
CA TRP B 189 29.99 28.95 -36.26
C TRP B 189 28.86 28.00 -36.65
N ARG B 190 28.79 26.83 -36.02
CA ARG B 190 27.69 25.92 -36.32
C ARG B 190 26.36 26.47 -35.78
N GLY B 191 26.43 27.42 -34.86
CA GLY B 191 25.23 28.04 -34.35
C GLY B 191 24.45 28.76 -35.44
N ALA B 192 25.09 28.97 -36.58
CA ALA B 192 24.42 29.62 -37.71
C ALA B 192 23.58 28.61 -38.47
N LEU B 193 23.60 27.35 -38.03
CA LEU B 193 22.79 26.32 -38.66
C LEU B 193 21.60 25.96 -37.81
N PRO B 194 20.41 26.44 -38.20
CA PRO B 194 19.19 26.19 -37.43
C PRO B 194 18.92 24.70 -37.22
N HIS B 195 19.45 23.85 -38.10
CA HIS B 195 19.25 22.42 -37.98
C HIS B 195 20.53 21.62 -37.85
N GLY B 196 21.56 22.22 -37.27
CA GLY B 196 22.85 21.55 -37.14
C GLY B 196 22.88 20.42 -36.13
N LYS B 197 22.55 19.22 -36.58
CA LYS B 197 22.61 18.03 -35.75
C LYS B 197 24.00 17.90 -35.14
N ALA B 198 24.08 17.39 -33.92
CA ALA B 198 25.36 17.32 -33.20
C ALA B 198 26.44 16.66 -34.06
N SER B 199 27.58 17.34 -34.19
CA SER B 199 28.65 16.85 -35.04
C SER B 199 29.89 16.57 -34.20
N ASP B 200 31.00 16.25 -34.85
CA ASP B 200 32.20 15.92 -34.11
C ASP B 200 33.03 17.16 -33.77
N LYS B 201 32.53 18.33 -34.16
CA LYS B 201 33.20 19.58 -33.80
C LYS B 201 33.35 19.71 -32.30
N ILE B 202 34.54 20.12 -31.87
CA ILE B 202 34.81 20.32 -30.46
C ILE B 202 34.18 21.63 -30.02
N VAL B 203 33.51 21.58 -28.87
CA VAL B 203 32.90 22.74 -28.24
C VAL B 203 33.98 23.51 -27.50
N ALA B 204 34.08 24.82 -27.71
CA ALA B 204 35.21 25.60 -27.16
C ALA B 204 34.79 26.67 -26.17
N ALA B 205 35.72 27.02 -25.28
CA ALA B 205 35.47 28.06 -24.31
C ALA B 205 35.11 29.34 -25.05
N GLY B 206 34.11 30.06 -24.52
CA GLY B 206 33.69 31.32 -25.12
C GLY B 206 32.69 31.16 -26.24
N GLU B 207 32.41 29.92 -26.64
CA GLU B 207 31.40 29.68 -27.66
C GLU B 207 29.97 29.70 -27.09
N PHE B 208 29.03 30.18 -27.90
CA PHE B 208 27.62 29.89 -27.68
C PHE B 208 27.39 28.46 -28.21
N VAL B 209 26.60 27.69 -27.49
CA VAL B 209 26.21 26.38 -28.00
C VAL B 209 24.69 26.28 -27.86
N THR B 210 24.05 25.97 -28.99
CA THR B 210 22.62 25.84 -29.06
C THR B 210 22.23 24.36 -28.95
N LEU B 211 21.41 24.03 -27.96
CA LEU B 211 20.91 22.66 -27.79
C LEU B 211 19.43 22.66 -28.06
N ASP B 212 19.05 22.03 -29.17
CA ASP B 212 17.65 21.83 -29.51
C ASP B 212 17.37 20.34 -29.43
N PHE B 213 16.40 19.98 -28.60
CA PHE B 213 16.19 18.58 -28.25
C PHE B 213 14.80 18.39 -27.67
N GLY B 214 14.43 17.13 -27.44
CA GLY B 214 13.12 16.85 -26.90
C GLY B 214 12.98 15.39 -26.51
N ALA B 215 11.96 15.09 -25.72
CA ALA B 215 11.75 13.73 -25.24
C ALA B 215 10.43 13.22 -25.75
N LEU B 216 10.36 11.92 -26.04
CA LEU B 216 9.09 11.26 -26.28
C LEU B 216 8.69 10.53 -25.01
N TYR B 217 7.59 10.95 -24.41
CA TYR B 217 7.17 10.36 -23.16
C TYR B 217 5.69 10.03 -23.22
N GLN B 218 5.35 8.76 -23.06
CA GLN B 218 3.96 8.30 -23.10
C GLN B 218 3.21 8.77 -24.34
N GLY B 219 3.88 8.68 -25.49
CA GLY B 219 3.25 8.97 -26.76
C GLY B 219 3.12 10.44 -27.07
N TYR B 220 3.70 11.30 -26.23
CA TYR B 220 3.62 12.74 -26.47
C TYR B 220 5.00 13.38 -26.46
N CYS B 221 5.15 14.51 -27.15
CA CYS B 221 6.49 15.03 -27.39
C CYS B 221 6.77 16.35 -26.70
N SER B 222 8.03 16.56 -26.34
CA SER B 222 8.48 17.86 -25.91
C SER B 222 9.55 18.33 -26.89
N ASP B 223 9.88 19.61 -26.82
CA ASP B 223 10.77 20.26 -27.77
C ASP B 223 11.34 21.50 -27.06
N MET B 224 12.65 21.50 -26.79
CA MET B 224 13.28 22.62 -26.11
C MET B 224 14.56 23.12 -26.77
N THR B 225 14.77 24.43 -26.78
CA THR B 225 16.07 24.98 -27.16
C THR B 225 16.58 25.95 -26.12
N ARG B 226 17.83 25.77 -25.73
CA ARG B 226 18.56 26.75 -24.93
C ARG B 226 19.93 27.00 -25.57
N THR B 227 20.34 28.26 -25.61
CA THR B 227 21.68 28.57 -26.11
C THR B 227 22.54 28.99 -24.93
N LEU B 228 23.52 28.14 -24.61
CA LEU B 228 24.39 28.34 -23.45
C LEU B 228 25.74 28.91 -23.85
N LEU B 229 26.42 29.53 -22.88
CA LEU B 229 27.78 30.03 -23.09
C LEU B 229 28.75 29.06 -22.44
N VAL B 230 29.61 28.49 -23.27
CA VAL B 230 30.60 27.51 -22.82
C VAL B 230 31.66 28.19 -21.96
N ASN B 231 31.72 27.80 -20.69
CA ASN B 231 32.63 28.49 -19.78
C ASN B 231 34.11 28.18 -20.09
N GLY B 232 34.96 29.16 -19.77
CA GLY B 232 36.39 29.06 -20.02
C GLY B 232 37.11 30.23 -19.40
N GLU B 233 38.42 30.31 -19.58
CA GLU B 233 39.20 31.35 -18.93
C GLU B 233 38.89 32.75 -19.43
N GLY B 234 38.47 33.62 -18.51
CA GLY B 234 38.17 35.00 -18.84
C GLY B 234 36.97 35.16 -19.76
N VAL B 235 36.06 34.20 -19.68
CA VAL B 235 34.86 34.23 -20.49
C VAL B 235 33.72 34.89 -19.74
N SER B 236 33.09 35.87 -20.37
CA SER B 236 31.96 36.58 -19.78
C SER B 236 30.89 36.86 -20.85
N ALA B 237 29.63 36.88 -20.43
CA ALA B 237 28.52 37.05 -21.36
C ALA B 237 28.60 38.36 -22.13
N GLU B 238 28.76 39.46 -21.41
CA GLU B 238 28.66 40.79 -22.01
C GLU B 238 29.78 41.06 -23.00
N SER B 239 30.91 40.39 -22.82
CA SER B 239 32.04 40.60 -23.70
C SER B 239 31.86 39.81 -25.00
N HIS B 240 30.94 38.85 -24.99
CA HIS B 240 30.75 37.97 -26.14
C HIS B 240 30.32 38.73 -27.38
N LEU B 241 30.79 38.27 -28.53
CA LEU B 241 30.50 38.91 -29.79
C LEU B 241 29.02 38.98 -30.13
N LEU B 242 28.28 37.96 -29.72
CA LEU B 242 26.88 37.87 -30.08
C LEU B 242 25.96 38.15 -28.91
N PHE B 243 26.49 38.81 -27.88
CA PHE B 243 25.69 39.10 -26.70
C PHE B 243 24.44 39.89 -27.08
N ASN B 244 24.63 40.95 -27.84
CA ASN B 244 23.51 41.76 -28.31
C ASN B 244 22.49 40.96 -29.12
N VAL B 245 22.98 40.12 -30.03
CA VAL B 245 22.11 39.26 -30.82
C VAL B 245 21.33 38.32 -29.91
N TYR B 246 22.01 37.77 -28.91
CA TYR B 246 21.34 36.95 -27.90
C TYR B 246 20.16 37.74 -27.28
N GLN B 247 20.42 38.98 -26.86
CA GLN B 247 19.39 39.77 -26.21
C GLN B 247 18.24 40.07 -27.16
N ILE B 248 18.55 40.34 -28.41
CA ILE B 248 17.50 40.57 -29.40
C ILE B 248 16.61 39.34 -29.53
N VAL B 249 17.22 38.17 -29.52
CA VAL B 249 16.47 36.94 -29.64
C VAL B 249 15.62 36.72 -28.40
N LEU B 250 16.22 36.92 -27.23
CA LEU B 250 15.48 36.76 -25.99
C LEU B 250 14.26 37.68 -25.97
N GLN B 251 14.45 38.91 -26.41
CA GLN B 251 13.36 39.86 -26.44
C GLN B 251 12.26 39.41 -27.37
N ALA B 252 12.66 38.92 -28.54
CA ALA B 252 11.67 38.47 -29.52
C ALA B 252 10.88 37.30 -28.97
N GLN B 253 11.56 36.42 -28.25
CA GLN B 253 10.90 35.24 -27.71
C GLN B 253 9.90 35.63 -26.62
N LEU B 254 10.27 36.57 -25.77
CA LEU B 254 9.35 37.04 -24.75
C LEU B 254 8.18 37.75 -25.41
N ALA B 255 8.48 38.57 -26.41
CA ALA B 255 7.44 39.32 -27.11
C ALA B 255 6.45 38.39 -27.77
N ALA B 256 6.91 37.24 -28.23
CA ALA B 256 6.00 36.30 -28.87
C ALA B 256 5.10 35.66 -27.81
N ILE B 257 5.70 35.28 -26.69
CA ILE B 257 4.93 34.69 -25.60
C ILE B 257 3.85 35.67 -25.13
N SER B 258 4.20 36.95 -24.99
CA SER B 258 3.24 37.95 -24.52
C SER B 258 2.07 38.14 -25.49
N ALA B 259 2.26 37.71 -26.73
CA ALA B 259 1.22 37.89 -27.73
C ALA B 259 0.23 36.74 -27.73
N ILE B 260 0.51 35.72 -26.94
CA ILE B 260 -0.31 34.51 -26.96
C ILE B 260 -1.49 34.55 -25.97
N ARG B 261 -2.70 34.47 -26.53
CA ARG B 261 -3.93 34.38 -25.75
C ARG B 261 -5.06 33.97 -26.68
N PRO B 262 -6.16 33.44 -26.11
CA PRO B 262 -7.30 33.07 -26.96
C PRO B 262 -7.72 34.22 -27.87
N GLY B 263 -8.05 33.92 -29.13
CA GLY B 263 -8.54 34.94 -30.04
C GLY B 263 -7.49 35.47 -31.00
N VAL B 264 -6.24 35.40 -30.58
CA VAL B 264 -5.11 35.84 -31.40
C VAL B 264 -4.86 34.87 -32.56
N ARG B 265 -4.59 35.43 -33.74
CA ARG B 265 -4.22 34.61 -34.88
C ARG B 265 -2.73 34.25 -34.81
N CYS B 266 -2.40 33.02 -35.23
CA CYS B 266 -1.03 32.51 -35.11
C CYS B 266 -0.01 33.44 -35.74
N GLN B 267 -0.38 34.08 -36.83
CA GLN B 267 0.50 34.98 -37.53
C GLN B 267 0.83 36.21 -36.69
N GLN B 268 -0.05 36.54 -35.75
CA GLN B 268 0.18 37.71 -34.92
C GLN B 268 1.28 37.43 -33.91
N VAL B 269 1.44 36.17 -33.53
CA VAL B 269 2.53 35.75 -32.65
C VAL B 269 3.88 35.74 -33.38
N ASP B 270 3.89 35.25 -34.61
CA ASP B 270 5.10 35.32 -35.44
C ASP B 270 5.52 36.77 -35.62
N ASP B 271 4.54 37.61 -35.91
CA ASP B 271 4.78 39.03 -36.09
C ASP B 271 5.43 39.70 -34.88
N ALA B 272 5.05 39.26 -33.68
CA ALA B 272 5.60 39.81 -32.45
C ALA B 272 7.10 39.53 -32.38
N ALA B 273 7.48 38.28 -32.56
CA ALA B 273 8.89 37.94 -32.49
C ALA B 273 9.61 38.55 -33.69
N ARG B 274 9.00 38.43 -34.86
CA ARG B 274 9.68 38.87 -36.08
C ARG B 274 9.90 40.38 -36.15
N ARG B 275 8.95 41.16 -35.60
CA ARG B 275 9.09 42.62 -35.62
C ARG B 275 10.24 43.05 -34.75
N VAL B 276 10.41 42.39 -33.61
CA VAL B 276 11.53 42.67 -32.73
C VAL B 276 12.86 42.47 -33.46
N ILE B 277 13.02 41.29 -34.05
CA ILE B 277 14.25 40.95 -34.75
C ILE B 277 14.47 41.85 -35.97
N THR B 278 13.38 42.15 -36.66
CA THR B 278 13.48 42.94 -37.89
C THR B 278 13.89 44.37 -37.57
N GLU B 279 13.27 44.98 -36.56
CA GLU B 279 13.58 46.37 -36.20
C GLU B 279 14.99 46.49 -35.66
N ALA B 280 15.55 45.37 -35.20
CA ALA B 280 16.93 45.37 -34.72
C ALA B 280 17.89 45.32 -35.88
N GLY B 281 17.37 45.01 -37.06
CA GLY B 281 18.18 44.95 -38.26
C GLY B 281 18.66 43.56 -38.60
N TYR B 282 17.89 42.55 -38.18
CA TYR B 282 18.27 41.16 -38.42
C TYR B 282 17.14 40.37 -39.08
N GLY B 283 16.22 41.06 -39.76
CA GLY B 283 15.11 40.40 -40.42
C GLY B 283 15.54 39.33 -41.43
N ASP B 284 16.69 39.53 -42.09
CA ASP B 284 17.15 38.56 -43.09
C ASP B 284 17.89 37.38 -42.50
N TYR B 285 18.06 37.37 -41.18
CA TYR B 285 18.78 36.28 -40.54
C TYR B 285 17.86 35.45 -39.66
N PHE B 286 16.55 35.58 -39.93
CA PHE B 286 15.52 34.82 -39.22
C PHE B 286 14.68 34.08 -40.24
N GLY B 287 15.18 32.95 -40.72
CA GLY B 287 14.62 32.29 -41.88
C GLY B 287 13.51 31.28 -41.67
N HIS B 288 13.22 30.93 -40.41
CA HIS B 288 12.18 29.93 -40.12
C HIS B 288 11.01 30.51 -39.34
N ASN B 289 9.99 29.70 -39.10
CA ASN B 289 8.80 30.09 -38.34
C ASN B 289 9.12 30.39 -36.89
N THR B 290 8.25 31.14 -36.22
CA THR B 290 8.45 31.45 -34.80
C THR B 290 8.19 30.22 -33.93
N GLY B 291 7.29 29.36 -34.38
CA GLY B 291 7.04 28.13 -33.64
C GLY B 291 6.03 27.25 -34.34
N HIS B 292 5.73 26.12 -33.71
CA HIS B 292 4.84 25.12 -34.30
C HIS B 292 4.07 24.43 -33.20
N ALA B 293 2.91 23.89 -33.55
CA ALA B 293 2.15 23.09 -32.60
C ALA B 293 2.92 21.78 -32.33
N ILE B 294 2.61 21.14 -31.19
CA ILE B 294 3.28 19.92 -30.78
C ILE B 294 2.28 19.07 -30.00
N GLY B 295 2.43 17.75 -30.06
CA GLY B 295 1.55 16.86 -29.35
C GLY B 295 2.03 15.43 -29.47
N ILE B 296 1.29 14.62 -30.21
CA ILE B 296 1.70 13.27 -30.51
C ILE B 296 2.92 13.33 -31.43
N GLU B 297 2.92 14.34 -32.30
CA GLU B 297 4.04 14.59 -33.19
C GLU B 297 4.78 15.85 -32.76
N VAL B 298 6.05 15.95 -33.16
CA VAL B 298 6.86 17.13 -32.86
C VAL B 298 6.35 18.36 -33.60
N HIS B 299 6.02 18.21 -34.87
CA HIS B 299 5.48 19.31 -35.64
C HIS B 299 4.02 19.06 -36.00
N GLU B 300 3.13 19.87 -35.45
CA GLU B 300 1.73 19.80 -35.80
C GLU B 300 1.25 21.19 -36.21
N ASP B 301 0.01 21.27 -36.67
CA ASP B 301 -0.62 22.55 -36.97
C ASP B 301 -1.41 22.97 -35.75
N PRO B 302 -1.66 24.27 -35.57
CA PRO B 302 -1.26 25.37 -36.46
C PRO B 302 0.20 25.79 -36.25
N ARG B 303 0.64 26.77 -37.03
CA ARG B 303 2.01 27.26 -36.98
C ARG B 303 2.09 28.75 -36.64
N PHE B 304 3.06 29.12 -35.83
CA PHE B 304 3.39 30.53 -35.68
C PHE B 304 4.23 30.97 -36.90
N SER B 305 3.53 31.27 -37.99
CA SER B 305 4.15 31.69 -39.24
C SER B 305 3.46 32.96 -39.71
N PRO B 306 4.10 33.72 -40.63
CA PRO B 306 3.48 34.95 -41.14
C PRO B 306 2.12 34.78 -41.81
N ARG B 307 1.76 33.56 -42.19
CA ARG B 307 0.57 33.37 -43.02
C ARG B 307 -0.54 32.55 -42.32
N ASP B 308 -0.23 31.97 -41.17
CA ASP B 308 -1.23 31.14 -40.48
C ASP B 308 -2.21 32.00 -39.71
N THR B 309 -3.46 31.97 -40.17
CA THR B 309 -4.50 32.82 -39.62
C THR B 309 -5.33 32.09 -38.57
N THR B 310 -4.88 30.91 -38.17
CA THR B 310 -5.61 30.13 -37.18
C THR B 310 -5.71 30.92 -35.88
N THR B 311 -6.90 30.93 -35.29
CA THR B 311 -7.08 31.65 -34.04
C THR B 311 -6.78 30.69 -32.91
N LEU B 312 -6.09 31.19 -31.87
CA LEU B 312 -5.63 30.35 -30.78
C LEU B 312 -6.77 30.02 -29.83
N GLN B 313 -6.74 28.82 -29.28
CA GLN B 313 -7.80 28.40 -28.37
C GLN B 313 -7.16 27.66 -27.21
N PRO B 314 -7.79 27.71 -26.04
CA PRO B 314 -7.25 26.99 -24.88
C PRO B 314 -7.10 25.50 -25.19
N GLY B 315 -6.01 24.89 -24.73
CA GLY B 315 -5.79 23.48 -24.99
C GLY B 315 -4.80 23.27 -26.11
N MET B 316 -4.51 24.33 -26.86
CA MET B 316 -3.45 24.29 -27.85
C MET B 316 -2.08 24.42 -27.16
N LEU B 317 -1.10 23.70 -27.67
CA LEU B 317 0.27 23.88 -27.22
C LEU B 317 1.15 24.14 -28.44
N LEU B 318 1.91 25.22 -28.41
CA LEU B 318 2.79 25.56 -29.53
C LEU B 318 4.17 25.96 -29.04
N THR B 319 5.17 25.85 -29.92
CA THR B 319 6.51 26.26 -29.53
C THR B 319 6.68 27.76 -29.82
N VAL B 320 7.54 28.40 -29.06
CA VAL B 320 7.95 29.76 -29.38
C VAL B 320 9.48 29.73 -29.46
N GLU B 321 10.01 29.76 -30.68
CA GLU B 321 11.44 29.55 -30.89
C GLU B 321 12.04 30.40 -32.01
N PRO B 322 12.02 31.74 -31.84
CA PRO B 322 12.66 32.59 -32.85
C PRO B 322 14.18 32.46 -32.75
N GLY B 323 14.91 32.98 -33.73
CA GLY B 323 16.36 32.89 -33.70
C GLY B 323 17.03 33.85 -34.66
N ILE B 324 18.33 34.07 -34.45
CA ILE B 324 19.13 34.85 -35.40
C ILE B 324 20.34 34.01 -35.79
N TYR B 325 20.56 33.85 -37.10
CA TYR B 325 21.60 32.96 -37.61
C TYR B 325 22.57 33.70 -38.52
N LEU B 326 23.82 33.79 -38.07
CA LEU B 326 24.82 34.60 -38.75
C LEU B 326 25.95 33.71 -39.31
N PRO B 327 25.84 33.35 -40.60
CA PRO B 327 26.86 32.51 -41.23
C PRO B 327 28.25 33.02 -40.91
N GLY B 328 29.07 32.16 -40.30
CA GLY B 328 30.42 32.53 -39.94
C GLY B 328 30.68 33.00 -38.53
N GLN B 329 29.61 33.39 -37.82
CA GLN B 329 29.76 33.90 -36.46
C GLN B 329 29.09 32.99 -35.44
N GLY B 330 27.89 32.54 -35.79
CA GLY B 330 27.10 31.70 -34.90
C GLY B 330 25.64 32.10 -34.99
N GLY B 331 24.87 31.69 -34.00
CA GLY B 331 23.46 32.01 -33.98
C GLY B 331 22.84 31.73 -32.62
N VAL B 332 21.64 32.24 -32.40
CA VAL B 332 20.97 32.04 -31.13
C VAL B 332 19.52 31.68 -31.36
N ARG B 333 19.07 30.62 -30.69
CA ARG B 333 17.64 30.29 -30.67
C ARG B 333 17.24 29.95 -29.23
N ILE B 334 16.05 30.37 -28.85
CA ILE B 334 15.51 30.07 -27.53
C ILE B 334 14.10 29.54 -27.70
N GLU B 335 13.86 28.33 -27.23
CA GLU B 335 12.58 27.65 -27.46
C GLU B 335 11.85 27.20 -26.20
N ASP B 336 10.58 27.58 -26.10
CA ASP B 336 9.71 27.08 -25.06
C ASP B 336 8.52 26.35 -25.67
N VAL B 337 7.99 25.37 -24.94
CA VAL B 337 6.67 24.85 -25.27
C VAL B 337 5.64 25.69 -24.48
N VAL B 338 4.63 26.23 -25.17
CA VAL B 338 3.66 27.11 -24.53
C VAL B 338 2.22 26.56 -24.59
N LEU B 339 1.58 26.43 -23.43
CA LEU B 339 0.16 26.04 -23.36
C LEU B 339 -0.75 27.26 -23.38
N VAL B 340 -1.68 27.33 -24.33
CA VAL B 340 -2.68 28.39 -24.34
C VAL B 340 -3.73 28.13 -23.26
N THR B 341 -3.97 29.10 -22.38
CA THR B 341 -4.93 28.92 -21.29
C THR B 341 -6.19 29.78 -21.50
N PRO B 342 -7.26 29.52 -20.72
CA PRO B 342 -8.44 30.38 -20.82
C PRO B 342 -8.10 31.86 -20.65
N GLN B 343 -7.13 32.14 -19.79
CA GLN B 343 -6.73 33.51 -19.51
C GLN B 343 -5.70 34.00 -20.52
N GLY B 344 -4.68 33.18 -20.77
CA GLY B 344 -3.62 33.56 -21.68
C GLY B 344 -2.69 32.43 -22.08
N ALA B 345 -1.50 32.43 -21.49
CA ALA B 345 -0.48 31.43 -21.84
C ALA B 345 0.30 30.95 -20.62
N GLU B 346 0.77 29.71 -20.68
CA GLU B 346 1.61 29.17 -19.63
C GLU B 346 2.85 28.49 -20.23
N VAL B 347 4.01 28.97 -19.82
CA VAL B 347 5.27 28.44 -20.30
C VAL B 347 5.59 27.17 -19.52
N LEU B 348 5.94 26.08 -20.23
CA LEU B 348 6.12 24.81 -19.53
C LEU B 348 7.58 24.49 -19.17
N TYR B 349 8.49 25.45 -19.34
CA TYR B 349 9.86 25.26 -18.89
C TYR B 349 10.22 26.27 -17.81
N ALA B 350 10.98 25.84 -16.81
CA ALA B 350 11.42 26.75 -15.78
C ALA B 350 12.85 27.16 -16.05
N MET B 351 13.58 26.40 -16.87
CA MET B 351 14.97 26.72 -17.23
C MET B 351 15.11 28.20 -17.64
N PRO B 352 16.05 28.92 -17.01
CA PRO B 352 16.22 30.34 -17.36
C PRO B 352 16.66 30.54 -18.80
N LYS B 353 16.31 31.70 -19.36
CA LYS B 353 16.54 31.97 -20.77
C LYS B 353 17.48 33.16 -20.97
N THR B 354 18.05 33.65 -19.87
CA THR B 354 19.13 34.62 -19.92
C THR B 354 20.42 33.89 -20.29
N VAL B 355 21.52 34.62 -20.47
CA VAL B 355 22.78 33.97 -20.84
C VAL B 355 23.36 33.20 -19.67
N LEU B 356 23.56 31.90 -19.85
CA LEU B 356 24.05 31.05 -18.76
C LEU B 356 25.42 30.46 -19.11
N LEU B 357 26.28 30.31 -18.11
CA LEU B 357 27.58 29.70 -18.33
C LEU B 357 27.42 28.21 -18.06
N THR B 358 28.24 27.40 -18.71
CA THR B 358 28.14 25.95 -18.52
C THR B 358 28.93 25.57 -17.28
N GLY B 359 28.79 24.33 -16.82
CA GLY B 359 29.67 23.81 -15.77
C GLY B 359 29.34 24.28 -14.36
N GLU B 360 30.30 24.10 -13.46
CA GLU B 360 30.19 24.53 -12.06
C GLU B 360 28.97 23.96 -11.35
N SER C 1 -13.03 13.81 28.00
CA SER C 1 -13.05 14.79 29.09
C SER C 1 -12.14 14.34 30.22
N THR C 2 -12.50 13.25 30.90
CA THR C 2 -11.64 12.69 31.93
C THR C 2 -10.40 12.10 31.26
N LEU C 3 -10.61 11.42 30.14
CA LEU C 3 -9.53 10.91 29.31
C LEU C 3 -8.60 12.02 28.85
N LEU C 4 -9.19 13.10 28.33
CA LEU C 4 -8.43 14.25 27.84
C LEU C 4 -7.77 15.05 28.96
N ALA C 5 -8.44 15.15 30.11
CA ALA C 5 -7.86 15.87 31.23
C ALA C 5 -6.62 15.12 31.71
N SER C 6 -6.75 13.81 31.86
CA SER C 6 -5.67 12.97 32.34
C SER C 6 -4.45 13.07 31.43
N LEU C 7 -4.68 13.18 30.12
CA LEU C 7 -3.57 13.29 29.16
C LEU C 7 -2.84 14.61 29.27
N ARG C 8 -3.60 15.69 29.40
CA ARG C 8 -3.05 17.04 29.46
C ARG C 8 -2.27 17.28 30.75
N ASP C 9 -2.70 16.63 31.82
CA ASP C 9 -1.96 16.67 33.07
C ASP C 9 -0.60 16.04 32.86
N TRP C 10 -0.59 14.95 32.10
CA TRP C 10 0.63 14.22 31.80
C TRP C 10 1.57 15.05 30.95
N LEU C 11 1.03 15.78 29.97
CA LEU C 11 1.82 16.68 29.12
C LEU C 11 2.60 17.69 29.96
N LYS C 12 1.90 18.38 30.85
CA LYS C 12 2.51 19.39 31.72
C LYS C 12 3.60 18.76 32.60
N ALA C 13 3.28 17.62 33.18
CA ALA C 13 4.20 16.93 34.07
C ALA C 13 5.46 16.49 33.31
N GLN C 14 5.29 16.27 32.01
CA GLN C 14 6.37 15.80 31.14
C GLN C 14 7.13 16.88 30.35
N GLN C 15 6.73 18.15 30.49
CA GLN C 15 7.33 19.31 29.78
C GLN C 15 7.00 19.31 28.26
N LEU C 16 5.77 18.90 27.94
CA LEU C 16 5.38 18.73 26.54
C LEU C 16 4.16 19.57 26.17
N ASP C 17 4.15 20.11 24.94
CA ASP C 17 3.02 20.92 24.47
C ASP C 17 1.89 20.07 23.94
N ALA C 18 2.27 18.98 23.30
CA ALA C 18 1.32 18.07 22.69
C ALA C 18 1.97 16.71 22.53
N VAL C 19 1.14 15.71 22.28
CA VAL C 19 1.66 14.38 22.04
C VAL C 19 1.03 13.82 20.78
N LEU C 20 1.86 13.14 20.02
CA LEU C 20 1.39 12.44 18.84
C LEU C 20 1.23 10.99 19.24
N LEU C 21 -0.02 10.55 19.28
CA LEU C 21 -0.30 9.18 19.67
C LEU C 21 -0.47 8.35 18.40
N SER C 22 0.32 7.30 18.27
CA SER C 22 0.27 6.51 17.07
C SER C 22 -0.08 5.07 17.37
N SER C 23 0.30 4.58 18.55
CA SER C 23 0.04 3.18 18.86
C SER C 23 -1.46 2.91 18.99
N ARG C 24 -1.88 1.75 18.52
CA ARG C 24 -3.29 1.43 18.53
C ARG C 24 -3.85 1.41 19.94
N GLN C 25 -3.05 0.96 20.89
CA GLN C 25 -3.53 0.81 22.26
C GLN C 25 -3.70 2.18 22.90
N ASN C 26 -2.89 3.15 22.50
CA ASN C 26 -3.05 4.48 23.05
C ASN C 26 -4.00 5.36 22.22
N LYS C 27 -4.37 4.87 21.04
CA LYS C 27 -5.35 5.58 20.20
C LYS C 27 -6.78 5.10 20.46
N GLN C 28 -6.91 3.86 20.94
CA GLN C 28 -8.22 3.24 21.14
C GLN C 28 -9.21 4.07 21.97
N PRO C 29 -8.76 4.65 23.11
CA PRO C 29 -9.77 5.37 23.89
C PRO C 29 -10.42 6.51 23.09
N HIS C 30 -9.65 7.11 22.20
CA HIS C 30 -10.12 8.25 21.44
C HIS C 30 -10.91 7.86 20.19
N LEU C 31 -10.45 6.80 19.53
CA LEU C 31 -11.03 6.37 18.25
C LEU C 31 -12.27 5.50 18.42
N GLY C 32 -12.30 4.73 19.51
CA GLY C 32 -13.41 3.81 19.74
C GLY C 32 -13.17 2.51 19.00
N ILE C 33 -12.08 2.47 18.25
CA ILE C 33 -11.66 1.26 17.57
C ILE C 33 -10.16 1.07 17.80
N SER C 34 -9.65 -0.10 17.45
CA SER C 34 -8.22 -0.37 17.59
C SER C 34 -7.64 -0.52 16.18
N THR C 35 -6.88 0.47 15.73
CA THR C 35 -6.29 0.40 14.39
C THR C 35 -4.84 0.86 14.38
N GLY C 36 -4.05 0.25 13.50
CA GLY C 36 -2.69 0.67 13.29
C GLY C 36 -2.68 2.00 12.56
N SER C 37 -3.62 2.19 11.65
CA SER C 37 -3.73 3.43 10.90
C SER C 37 -4.23 4.59 11.77
N GLY C 38 -4.05 5.81 11.27
CA GLY C 38 -4.61 6.99 11.92
C GLY C 38 -3.82 7.49 13.10
N TYR C 39 -4.02 8.75 13.47
CA TYR C 39 -3.26 9.35 14.56
C TYR C 39 -4.18 10.17 15.46
N VAL C 40 -3.73 10.34 16.70
CA VAL C 40 -4.41 11.21 17.63
C VAL C 40 -3.39 12.19 18.16
N VAL C 41 -3.67 13.47 17.98
CA VAL C 41 -2.82 14.55 18.46
C VAL C 41 -3.58 15.31 19.53
N ILE C 42 -3.01 15.34 20.73
CA ILE C 42 -3.62 16.05 21.86
C ILE C 42 -2.72 17.19 22.28
N SER C 43 -3.27 18.40 22.24
CA SER C 43 -2.57 19.57 22.75
C SER C 43 -3.22 19.99 24.06
N ARG C 44 -2.67 21.04 24.67
CA ARG C 44 -3.20 21.56 25.92
C ARG C 44 -4.56 22.19 25.72
N GLU C 45 -4.80 22.61 24.47
CA GLU C 45 -5.99 23.38 24.13
C GLU C 45 -6.93 22.67 23.15
N SER C 46 -6.44 21.68 22.42
CA SER C 46 -7.29 21.00 21.46
C SER C 46 -7.00 19.51 21.33
N ALA C 47 -7.89 18.83 20.63
CA ALA C 47 -7.85 17.39 20.46
C ALA C 47 -8.16 17.07 19.00
N HIS C 48 -7.33 16.26 18.36
CA HIS C 48 -7.50 15.97 16.95
C HIS C 48 -7.53 14.47 16.67
N ILE C 49 -8.32 14.08 15.68
CA ILE C 49 -8.36 12.70 15.17
C ILE C 49 -8.08 12.70 13.67
N LEU C 50 -7.19 11.82 13.22
CA LEU C 50 -6.84 11.77 11.82
C LEU C 50 -7.08 10.38 11.23
N VAL C 51 -8.07 10.25 10.33
CA VAL C 51 -8.28 8.94 9.69
C VAL C 51 -8.48 9.03 8.17
N ASP C 52 -8.19 7.92 7.47
CA ASP C 52 -8.44 7.87 6.04
C ASP C 52 -9.87 7.37 5.78
N SER C 53 -10.27 7.36 4.52
CA SER C 53 -11.66 7.10 4.12
C SER C 53 -12.21 5.75 4.63
N ARG C 54 -11.31 4.86 5.01
CA ARG C 54 -11.72 3.55 5.51
C ARG C 54 -12.38 3.62 6.89
N TYR C 55 -12.01 4.62 7.69
CA TYR C 55 -12.49 4.68 9.08
C TYR C 55 -13.28 5.93 9.40
N TYR C 56 -13.31 6.89 8.48
CA TYR C 56 -13.85 8.21 8.77
C TYR C 56 -15.30 8.20 9.29
N VAL C 57 -16.20 7.60 8.52
CA VAL C 57 -17.64 7.55 8.82
C VAL C 57 -17.89 6.80 10.12
N GLU C 58 -17.07 5.79 10.39
CA GLU C 58 -17.24 5.00 11.61
C GLU C 58 -16.75 5.74 12.86
N VAL C 59 -15.61 6.43 12.73
CA VAL C 59 -15.01 7.15 13.83
C VAL C 59 -15.86 8.38 14.15
N GLU C 60 -16.34 9.02 13.09
CA GLU C 60 -17.10 10.27 13.15
C GLU C 60 -18.26 10.23 14.13
N ALA C 61 -18.90 9.07 14.25
CA ALA C 61 -20.00 8.92 15.20
C ALA C 61 -19.47 9.14 16.62
N ARG C 62 -18.47 8.33 16.99
CA ARG C 62 -17.91 8.34 18.34
C ARG C 62 -17.10 9.61 18.61
N ALA C 63 -16.54 10.20 17.56
CA ALA C 63 -15.59 11.30 17.75
C ALA C 63 -16.24 12.64 18.10
N GLN C 64 -17.04 12.67 19.16
CA GLN C 64 -17.49 13.93 19.72
C GLN C 64 -16.38 14.46 20.62
N GLY C 65 -16.10 15.76 20.54
CA GLY C 65 -15.05 16.32 21.38
C GLY C 65 -13.71 16.41 20.67
N TYR C 66 -13.66 15.89 19.45
CA TYR C 66 -12.44 15.91 18.66
C TYR C 66 -12.60 16.68 17.38
N GLN C 67 -11.48 17.22 16.89
CA GLN C 67 -11.46 17.83 15.57
C GLN C 67 -11.12 16.72 14.58
N LEU C 68 -11.95 16.56 13.57
CA LEU C 68 -11.87 15.41 12.69
C LEU C 68 -11.19 15.78 11.38
N HIS C 69 -10.12 15.05 11.05
CA HIS C 69 -9.37 15.31 9.82
C HIS C 69 -9.34 14.07 8.93
N LEU C 70 -9.60 14.27 7.64
CA LEU C 70 -9.50 13.17 6.69
C LEU C 70 -8.07 13.05 6.15
N LEU C 71 -7.55 11.84 6.15
CA LEU C 71 -6.25 11.59 5.53
C LEU C 71 -6.45 11.21 4.07
N ASP C 72 -5.84 11.98 3.17
CA ASP C 72 -5.84 11.62 1.75
C ASP C 72 -4.51 11.99 1.11
N ALA C 73 -4.49 12.02 -0.21
CA ALA C 73 -3.27 12.36 -0.94
C ALA C 73 -2.78 13.75 -0.59
N THR C 74 -3.71 14.70 -0.53
CA THR C 74 -3.36 16.10 -0.30
C THR C 74 -3.21 16.39 1.19
N ASN C 75 -4.08 15.78 1.99
CA ASN C 75 -4.08 16.00 3.43
C ASN C 75 -3.43 14.87 4.20
N THR C 76 -2.21 15.11 4.67
CA THR C 76 -1.38 14.10 5.31
C THR C 76 -1.10 14.40 6.77
N LEU C 77 -0.50 13.43 7.47
CA LEU C 77 -0.02 13.64 8.84
C LEU C 77 0.83 14.90 8.93
N THR C 78 1.74 15.04 7.97
CA THR C 78 2.65 16.16 7.94
C THR C 78 1.87 17.47 7.75
N THR C 79 1.02 17.53 6.74
CA THR C 79 0.28 18.78 6.45
C THR C 79 -0.66 19.13 7.61
N ILE C 80 -1.26 18.12 8.22
CA ILE C 80 -2.24 18.31 9.28
C ILE C 80 -1.59 18.68 10.61
N VAL C 81 -0.58 17.93 11.00
CA VAL C 81 0.08 18.19 12.27
C VAL C 81 0.81 19.54 12.23
N ASN C 82 1.42 19.83 11.08
CA ASN C 82 2.11 21.11 10.90
C ASN C 82 1.16 22.30 10.98
N GLN C 83 -0.05 22.10 10.49
CA GLN C 83 -1.08 23.12 10.62
C GLN C 83 -1.41 23.34 12.09
N ILE C 84 -1.54 22.24 12.82
CA ILE C 84 -1.82 22.26 14.25
C ILE C 84 -0.67 22.89 15.06
N ILE C 85 0.56 22.57 14.71
CA ILE C 85 1.73 23.17 15.34
C ILE C 85 1.71 24.69 15.14
N ALA C 86 1.27 25.10 13.96
CA ALA C 86 1.24 26.53 13.63
C ALA C 86 0.20 27.28 14.44
N ASP C 87 -1.03 26.76 14.42
CA ASP C 87 -2.16 27.45 15.04
C ASP C 87 -1.99 27.65 16.54
N GLU C 88 -1.30 26.73 17.21
CA GLU C 88 -1.13 26.86 18.66
C GLU C 88 0.33 27.08 19.04
N GLN C 89 1.12 27.37 18.01
CA GLN C 89 2.56 27.54 18.12
C GLN C 89 3.17 26.53 19.09
N LEU C 90 3.10 25.26 18.70
CA LEU C 90 3.60 24.17 19.53
C LEU C 90 5.13 24.08 19.35
N GLN C 91 5.84 23.95 20.45
CA GLN C 91 7.30 23.90 20.41
C GLN C 91 7.85 22.48 20.50
N THR C 92 7.39 21.74 21.51
CA THR C 92 7.87 20.38 21.69
C THR C 92 6.73 19.38 21.41
N LEU C 93 7.04 18.27 20.77
CA LEU C 93 6.03 17.28 20.38
C LEU C 93 6.46 15.87 20.74
N GLY C 94 5.65 15.22 21.58
CA GLY C 94 5.93 13.86 21.99
C GLY C 94 5.50 12.80 20.99
N PHE C 95 6.28 11.72 20.93
CA PHE C 95 5.93 10.55 20.13
C PHE C 95 6.33 9.24 20.84
N GLU C 96 5.62 8.17 20.50
CA GLU C 96 5.84 6.89 21.13
C GLU C 96 7.09 6.17 20.55
N GLY C 97 8.27 6.49 21.09
CA GLY C 97 9.51 5.94 20.56
C GLY C 97 9.67 4.44 20.65
N GLN C 98 8.82 3.79 21.43
CA GLN C 98 8.87 2.34 21.56
C GLN C 98 7.84 1.68 20.67
N GLN C 99 7.05 2.49 19.96
CA GLN C 99 5.97 1.94 19.11
C GLN C 99 6.15 2.38 17.68
N VAL C 100 6.88 3.47 17.48
CA VAL C 100 7.11 3.98 16.13
C VAL C 100 8.41 3.40 15.57
N SER C 101 8.38 2.97 14.31
CA SER C 101 9.58 2.40 13.69
C SER C 101 10.67 3.46 13.57
N TRP C 102 11.92 3.02 13.53
CA TRP C 102 13.03 3.95 13.41
C TRP C 102 12.81 4.83 12.17
N GLU C 103 12.33 4.22 11.11
CA GLU C 103 12.11 4.92 9.86
C GLU C 103 11.08 6.03 9.95
N THR C 104 9.95 5.71 10.57
CA THR C 104 8.87 6.67 10.68
C THR C 104 9.28 7.84 11.59
N ALA C 105 9.88 7.51 12.73
CA ALA C 105 10.30 8.56 13.65
C ALA C 105 11.34 9.44 12.96
N HIS C 106 12.24 8.80 12.22
CA HIS C 106 13.29 9.49 11.49
C HIS C 106 12.73 10.46 10.44
N ARG C 107 11.70 10.07 9.70
CA ARG C 107 11.07 10.98 8.73
C ARG C 107 10.42 12.15 9.47
N TRP C 108 9.75 11.85 10.58
CA TRP C 108 9.10 12.84 11.43
C TRP C 108 10.13 13.81 11.93
N GLN C 109 11.23 13.24 12.43
CA GLN C 109 12.31 13.99 13.03
C GLN C 109 12.82 15.07 12.07
N SER C 110 12.64 14.82 10.78
CA SER C 110 13.04 15.77 9.75
C SER C 110 11.88 16.60 9.19
N GLU C 111 10.69 16.02 9.12
CA GLU C 111 9.54 16.68 8.51
C GLU C 111 8.65 17.52 9.45
N LEU C 112 8.76 17.31 10.76
CA LEU C 112 7.83 17.97 11.66
C LEU C 112 8.40 19.22 12.29
N ASN C 113 7.63 20.31 12.16
CA ASN C 113 8.03 21.62 12.59
C ASN C 113 7.96 21.76 14.11
N ALA C 114 8.65 20.89 14.82
CA ALA C 114 8.70 20.92 16.28
C ALA C 114 9.85 20.04 16.76
N LYS C 115 10.21 20.18 18.03
CA LYS C 115 11.25 19.33 18.59
C LYS C 115 10.59 18.03 19.03
N LEU C 116 10.98 16.93 18.40
CA LEU C 116 10.38 15.63 18.69
C LEU C 116 11.10 14.92 19.81
N VAL C 117 10.32 14.49 20.80
CA VAL C 117 10.85 13.80 21.98
C VAL C 117 10.15 12.47 22.24
N SER C 118 10.95 11.42 22.39
CA SER C 118 10.41 10.09 22.65
C SER C 118 9.87 10.00 24.08
N ALA C 119 8.55 9.90 24.19
CA ALA C 119 7.88 9.76 25.48
C ALA C 119 6.78 8.71 25.38
N THR C 120 6.46 8.06 26.49
CA THR C 120 5.42 7.04 26.51
C THR C 120 4.42 7.30 27.64
N PRO C 121 3.14 7.49 27.28
CA PRO C 121 2.02 7.78 28.18
C PRO C 121 1.37 6.51 28.74
N ASP C 122 2.03 5.37 28.51
CA ASP C 122 1.52 4.07 28.94
C ASP C 122 1.21 4.01 30.44
N VAL C 123 1.94 4.80 31.22
CA VAL C 123 1.81 4.76 32.67
C VAL C 123 0.41 5.19 33.15
N LEU C 124 -0.27 6.03 32.35
CA LEU C 124 -1.60 6.53 32.72
C LEU C 124 -2.62 5.40 32.72
N ARG C 125 -2.29 4.31 32.04
CA ARG C 125 -3.23 3.21 31.89
C ARG C 125 -3.16 2.25 33.08
N GLN C 126 -2.18 2.45 33.96
CA GLN C 126 -1.99 1.57 35.10
C GLN C 126 -3.21 1.48 36.00
N ILE C 127 -3.79 2.63 36.31
CA ILE C 127 -5.00 2.67 37.11
C ILE C 127 -6.20 2.83 36.20
N LYS C 128 -7.16 1.93 36.31
CA LYS C 128 -8.31 1.95 35.41
C LYS C 128 -9.45 2.80 35.96
N THR C 129 -10.18 3.42 35.05
CA THR C 129 -11.39 4.13 35.38
C THR C 129 -12.51 3.10 35.49
N PRO C 130 -13.57 3.42 36.26
CA PRO C 130 -14.71 2.51 36.40
C PRO C 130 -15.29 1.96 35.09
N GLU C 131 -15.34 2.79 34.05
CA GLU C 131 -15.88 2.35 32.77
C GLU C 131 -15.00 1.25 32.21
N GLU C 132 -13.69 1.39 32.42
CA GLU C 132 -12.71 0.41 31.94
C GLU C 132 -12.81 -0.88 32.75
N VAL C 133 -12.86 -0.72 34.07
CA VAL C 133 -13.00 -1.85 34.99
C VAL C 133 -14.22 -2.68 34.62
N GLU C 134 -15.30 -1.99 34.28
CA GLU C 134 -16.54 -2.64 33.91
C GLU C 134 -16.38 -3.42 32.60
N LYS C 135 -15.70 -2.81 31.62
CA LYS C 135 -15.42 -3.50 30.36
C LYS C 135 -14.57 -4.75 30.61
N ILE C 136 -13.57 -4.62 31.47
CA ILE C 136 -12.70 -5.75 31.78
C ILE C 136 -13.51 -6.85 32.49
N ARG C 137 -14.43 -6.44 33.38
CA ARG C 137 -15.31 -7.39 34.03
C ARG C 137 -16.07 -8.30 33.06
N LEU C 138 -16.61 -7.70 32.01
CA LEU C 138 -17.37 -8.48 31.05
C LEU C 138 -16.42 -9.34 30.23
N ALA C 139 -15.23 -8.81 29.95
CA ALA C 139 -14.21 -9.62 29.30
C ALA C 139 -13.90 -10.83 30.19
N CYS C 140 -13.64 -10.56 31.46
CA CYS C 140 -13.37 -11.63 32.40
C CYS C 140 -14.54 -12.58 32.53
N GLY C 141 -15.76 -12.01 32.56
CA GLY C 141 -16.96 -12.81 32.63
C GLY C 141 -17.11 -13.75 31.44
N ILE C 142 -16.87 -13.23 30.25
CA ILE C 142 -16.93 -14.03 29.03
C ILE C 142 -15.95 -15.19 29.09
N ALA C 143 -14.75 -14.90 29.59
CA ALA C 143 -13.73 -15.92 29.76
C ALA C 143 -14.19 -16.98 30.75
N ASP C 144 -14.68 -16.52 31.89
CA ASP C 144 -15.08 -17.39 32.99
C ASP C 144 -16.12 -18.41 32.53
N ARG C 145 -17.07 -17.96 31.72
CA ARG C 145 -18.11 -18.87 31.24
C ARG C 145 -17.52 -19.83 30.21
N GLY C 146 -16.56 -19.35 29.44
CA GLY C 146 -15.89 -20.17 28.45
C GLY C 146 -15.20 -21.37 29.07
N ALA C 147 -14.56 -21.16 30.22
CA ALA C 147 -13.88 -22.25 30.90
C ALA C 147 -14.83 -23.41 31.17
N GLU C 148 -15.99 -23.11 31.76
CA GLU C 148 -16.98 -24.13 32.08
C GLU C 148 -17.50 -24.82 30.83
N HIS C 149 -17.75 -24.03 29.79
CA HIS C 149 -18.24 -24.59 28.54
C HIS C 149 -17.23 -25.56 27.96
N ILE C 150 -15.95 -25.17 28.00
CA ILE C 150 -14.94 -25.97 27.34
C ILE C 150 -14.66 -27.21 28.19
N ARG C 151 -14.87 -27.12 29.51
CA ARG C 151 -14.71 -28.29 30.36
C ARG C 151 -15.74 -29.37 30.04
N ARG C 152 -16.99 -28.99 29.81
CA ARG C 152 -17.99 -30.00 29.46
C ARG C 152 -17.74 -30.55 28.06
N PHE C 153 -17.11 -29.73 27.22
CA PHE C 153 -16.96 -30.06 25.80
C PHE C 153 -15.84 -31.07 25.55
N ILE C 154 -14.77 -30.99 26.34
CA ILE C 154 -13.57 -31.76 26.05
C ILE C 154 -13.77 -33.27 26.18
N GLN C 155 -13.38 -33.99 25.13
CA GLN C 155 -13.43 -35.44 25.11
C GLN C 155 -12.08 -35.99 24.69
N ALA C 156 -11.63 -37.05 25.34
CA ALA C 156 -10.41 -37.72 24.91
C ALA C 156 -10.53 -38.13 23.45
N GLY C 157 -9.55 -37.78 22.64
CA GLY C 157 -9.63 -38.04 21.22
C GLY C 157 -9.62 -36.74 20.45
N MET C 158 -10.13 -35.67 21.07
CA MET C 158 -10.08 -34.34 20.47
C MET C 158 -8.65 -33.81 20.40
N SER C 159 -8.40 -32.88 19.49
CA SER C 159 -7.12 -32.19 19.44
C SER C 159 -7.12 -30.95 20.33
N GLU C 160 -5.93 -30.49 20.71
CA GLU C 160 -5.83 -29.25 21.46
C GLU C 160 -6.42 -28.09 20.65
N ARG C 161 -6.17 -28.11 19.35
CA ARG C 161 -6.67 -27.06 18.47
C ARG C 161 -8.19 -27.02 18.39
N GLU C 162 -8.83 -28.19 18.33
CA GLU C 162 -10.30 -28.23 18.26
C GLU C 162 -10.89 -27.60 19.51
N ILE C 163 -10.28 -27.91 20.64
CA ILE C 163 -10.72 -27.39 21.93
C ILE C 163 -10.61 -25.87 21.92
N ALA C 164 -9.50 -25.36 21.38
CA ALA C 164 -9.33 -23.93 21.27
C ALA C 164 -10.38 -23.28 20.35
N ALA C 165 -10.65 -23.93 19.22
CA ALA C 165 -11.59 -23.40 18.23
C ALA C 165 -12.96 -23.30 18.85
N GLU C 166 -13.34 -24.35 19.57
CA GLU C 166 -14.63 -24.39 20.23
C GLU C 166 -14.69 -23.32 21.30
N LEU C 167 -13.60 -23.17 22.06
CA LEU C 167 -13.56 -22.20 23.14
C LEU C 167 -13.68 -20.78 22.62
N GLU C 168 -12.95 -20.49 21.55
CA GLU C 168 -13.00 -19.17 20.95
C GLU C 168 -14.38 -18.90 20.36
N TRP C 169 -14.93 -19.92 19.69
CA TRP C 169 -16.26 -19.80 19.10
C TRP C 169 -17.26 -19.43 20.18
N PHE C 170 -17.18 -20.11 21.32
CA PHE C 170 -18.09 -19.83 22.42
C PHE C 170 -17.92 -18.42 22.95
N MET C 171 -16.67 -17.99 23.09
CA MET C 171 -16.38 -16.63 23.57
C MET C 171 -16.96 -15.59 22.63
N ARG C 172 -16.80 -15.86 21.34
CA ARG C 172 -17.32 -15.01 20.28
C ARG C 172 -18.84 -14.90 20.46
N GLN C 173 -19.52 -16.04 20.53
CA GLN C 173 -20.96 -16.08 20.80
C GLN C 173 -21.37 -15.32 22.06
N GLN C 174 -20.46 -15.20 23.02
CA GLN C 174 -20.77 -14.49 24.26
C GLN C 174 -20.53 -12.98 24.15
N GLY C 175 -20.14 -12.51 22.97
CA GLY C 175 -19.98 -11.08 22.72
C GLY C 175 -18.55 -10.61 22.56
N ALA C 176 -17.59 -11.53 22.63
CA ALA C 176 -16.19 -11.16 22.49
C ALA C 176 -15.90 -10.72 21.07
N GLU C 177 -14.99 -9.76 20.94
CA GLU C 177 -14.55 -9.31 19.62
C GLU C 177 -13.63 -10.36 18.98
N LYS C 178 -12.87 -11.03 19.85
CA LYS C 178 -11.97 -12.12 19.50
C LYS C 178 -11.24 -12.57 20.76
N ALA C 179 -10.39 -13.59 20.65
CA ALA C 179 -9.54 -13.95 21.77
C ALA C 179 -8.52 -12.83 21.93
N SER C 180 -8.13 -12.54 23.17
CA SER C 180 -7.16 -11.48 23.42
C SER C 180 -5.73 -11.90 23.05
N PHE C 181 -5.49 -13.19 22.89
CA PHE C 181 -4.19 -13.69 22.43
C PHE C 181 -4.38 -15.11 21.95
N ASP C 182 -3.39 -15.64 21.23
CA ASP C 182 -3.49 -17.00 20.68
C ASP C 182 -3.64 -18.01 21.81
N THR C 183 -4.74 -18.75 21.77
CA THR C 183 -5.12 -19.67 22.84
C THR C 183 -4.10 -20.79 23.09
N ILE C 184 -3.80 -21.01 24.36
CA ILE C 184 -2.94 -22.10 24.79
C ILE C 184 -3.77 -23.28 25.31
N VAL C 185 -3.58 -24.44 24.70
CA VAL C 185 -4.15 -25.67 25.24
C VAL C 185 -3.02 -26.69 25.27
N ALA C 186 -2.50 -26.97 26.46
CA ALA C 186 -1.32 -27.80 26.61
C ALA C 186 -1.64 -29.03 27.42
N SER C 187 -1.75 -30.16 26.74
CA SER C 187 -2.16 -31.41 27.37
C SER C 187 -0.96 -32.33 27.58
N GLY C 188 -1.01 -33.10 28.66
CA GLY C 188 0.04 -34.06 28.97
C GLY C 188 1.40 -33.40 29.04
N TRP C 189 2.37 -33.98 28.32
CA TRP C 189 3.74 -33.51 28.33
C TRP C 189 3.83 -32.06 27.87
N ARG C 190 2.87 -31.64 27.07
CA ARG C 190 2.88 -30.25 26.60
C ARG C 190 2.60 -29.28 27.74
N GLY C 191 2.06 -29.80 28.85
CA GLY C 191 1.83 -28.98 30.02
C GLY C 191 3.10 -28.40 30.61
N ALA C 192 4.24 -28.93 30.17
CA ALA C 192 5.54 -28.46 30.64
C ALA C 192 5.94 -27.23 29.85
N LEU C 193 5.10 -26.83 28.89
CA LEU C 193 5.38 -25.65 28.07
C LEU C 193 4.51 -24.49 28.46
N PRO C 194 5.07 -23.51 29.18
CA PRO C 194 4.29 -22.36 29.66
C PRO C 194 3.61 -21.63 28.52
N HIS C 195 4.16 -21.80 27.32
N HIS C 195 4.14 -21.88 27.32
CA HIS C 195 3.65 -21.11 26.15
CA HIS C 195 3.81 -21.16 26.11
C HIS C 195 3.21 -22.08 25.08
C HIS C 195 3.11 -22.05 25.08
N GLY C 196 2.74 -23.26 25.48
CA GLY C 196 2.29 -24.24 24.52
C GLY C 196 0.98 -23.93 23.81
N LYS C 197 1.04 -23.16 22.72
CA LYS C 197 -0.16 -22.89 21.92
C LYS C 197 -0.80 -24.19 21.49
N ALA C 198 -2.13 -24.19 21.39
CA ALA C 198 -2.88 -25.38 21.05
C ALA C 198 -2.33 -26.03 19.78
N SER C 199 -2.03 -27.32 19.84
CA SER C 199 -1.43 -28.02 18.70
C SER C 199 -2.34 -29.14 18.22
N ASP C 200 -1.86 -29.96 17.31
CA ASP C 200 -2.66 -31.05 16.78
C ASP C 200 -2.57 -32.27 17.66
N LYS C 201 -1.82 -32.16 18.76
CA LYS C 201 -1.72 -33.26 19.71
C LYS C 201 -3.10 -33.71 20.18
N ILE C 202 -3.31 -35.01 20.22
CA ILE C 202 -4.54 -35.56 20.72
C ILE C 202 -4.56 -35.57 22.24
N VAL C 203 -5.66 -35.13 22.80
CA VAL C 203 -5.84 -35.12 24.24
C VAL C 203 -6.21 -36.53 24.72
N ALA C 204 -5.54 -37.00 25.77
CA ALA C 204 -5.73 -38.38 26.24
C ALA C 204 -6.28 -38.40 27.66
N ALA C 205 -7.01 -39.45 27.99
CA ALA C 205 -7.59 -39.60 29.32
C ALA C 205 -6.51 -39.63 30.40
N GLY C 206 -6.79 -38.98 31.53
CA GLY C 206 -5.87 -38.96 32.64
C GLY C 206 -4.83 -37.86 32.55
N GLU C 207 -4.80 -37.16 31.41
CA GLU C 207 -3.87 -36.06 31.22
C GLU C 207 -4.35 -34.79 31.89
N PHE C 208 -3.42 -33.99 32.37
CA PHE C 208 -3.72 -32.61 32.69
C PHE C 208 -3.77 -31.85 31.39
N VAL C 209 -4.74 -30.94 31.26
CA VAL C 209 -4.76 -30.06 30.11
C VAL C 209 -4.88 -28.62 30.60
N THR C 210 -3.89 -27.81 30.23
CA THR C 210 -3.83 -26.42 30.66
C THR C 210 -4.38 -25.52 29.57
N LEU C 211 -5.42 -24.75 29.91
CA LEU C 211 -5.99 -23.79 28.98
C LEU C 211 -5.68 -22.40 29.43
N ASP C 212 -4.85 -21.69 28.66
CA ASP C 212 -4.60 -20.28 28.89
C ASP C 212 -5.19 -19.52 27.71
N PHE C 213 -6.11 -18.61 28.01
CA PHE C 213 -6.91 -17.97 26.98
C PHE C 213 -7.53 -16.71 27.55
N GLY C 214 -8.19 -15.94 26.69
CA GLY C 214 -8.80 -14.70 27.14
C GLY C 214 -9.67 -14.06 26.08
N ALA C 215 -10.48 -13.09 26.50
CA ALA C 215 -11.41 -12.45 25.59
C ALA C 215 -11.06 -10.99 25.43
N LEU C 216 -11.25 -10.49 24.21
CA LEU C 216 -11.21 -9.07 23.95
C LEU C 216 -12.65 -8.57 23.87
N TYR C 217 -13.02 -7.72 24.80
CA TYR C 217 -14.39 -7.24 24.84
C TYR C 217 -14.34 -5.73 24.84
N GLN C 218 -14.82 -5.13 23.76
CA GLN C 218 -14.83 -3.68 23.62
C GLN C 218 -13.47 -3.06 23.91
N GLY C 219 -12.42 -3.67 23.36
CA GLY C 219 -11.08 -3.12 23.48
C GLY C 219 -10.37 -3.42 24.78
N TYR C 220 -10.94 -4.28 25.60
CA TYR C 220 -10.28 -4.64 26.85
C TYR C 220 -10.15 -6.16 26.98
N CYS C 221 -9.14 -6.59 27.73
CA CYS C 221 -8.73 -7.98 27.67
C CYS C 221 -8.95 -8.72 28.97
N SER C 222 -9.23 -10.01 28.84
CA SER C 222 -9.18 -10.89 29.98
C SER C 222 -8.11 -11.92 29.66
N ASP C 223 -7.71 -12.66 30.68
CA ASP C 223 -6.60 -13.60 30.62
C ASP C 223 -6.80 -14.64 31.71
N MET C 224 -7.12 -15.87 31.32
CA MET C 224 -7.38 -16.91 32.32
C MET C 224 -6.64 -18.24 32.05
N THR C 225 -6.18 -18.89 33.13
CA THR C 225 -5.70 -20.26 33.01
C THR C 225 -6.33 -21.21 34.00
N ARG C 226 -6.83 -22.33 33.47
CA ARG C 226 -7.26 -23.44 34.31
C ARG C 226 -6.57 -24.72 33.79
N THR C 227 -6.14 -25.56 34.72
CA THR C 227 -5.56 -26.85 34.36
C THR C 227 -6.55 -27.93 34.77
N LEU C 228 -7.17 -28.55 33.78
CA LEU C 228 -8.24 -29.51 34.01
C LEU C 228 -7.71 -30.93 33.86
N LEU C 229 -8.46 -31.88 34.40
CA LEU C 229 -8.14 -33.30 34.28
C LEU C 229 -9.02 -33.96 33.25
N VAL C 230 -8.43 -34.45 32.15
CA VAL C 230 -9.20 -35.09 31.10
C VAL C 230 -9.80 -36.40 31.59
N ASN C 231 -11.11 -36.41 31.74
CA ASN C 231 -11.82 -37.54 32.32
C ASN C 231 -11.85 -38.76 31.38
N GLY C 232 -11.93 -39.93 31.99
CA GLY C 232 -12.01 -41.20 31.28
C GLY C 232 -12.28 -42.25 32.34
N GLU C 233 -12.40 -43.50 31.93
CA GLU C 233 -12.76 -44.55 32.89
C GLU C 233 -11.66 -44.79 33.92
N GLY C 234 -12.04 -44.74 35.19
CA GLY C 234 -11.10 -44.96 36.27
C GLY C 234 -10.06 -43.87 36.42
N VAL C 235 -10.44 -42.64 36.08
CA VAL C 235 -9.57 -41.48 36.23
C VAL C 235 -9.90 -40.73 37.53
N SER C 236 -8.88 -40.46 38.36
CA SER C 236 -9.10 -39.70 39.60
C SER C 236 -7.94 -38.74 39.83
N ALA C 237 -8.25 -37.61 40.46
CA ALA C 237 -7.27 -36.55 40.66
C ALA C 237 -6.09 -37.03 41.49
N GLU C 238 -6.40 -37.62 42.65
CA GLU C 238 -5.37 -37.96 43.63
C GLU C 238 -4.38 -38.99 43.11
N SER C 239 -4.78 -39.75 42.09
CA SER C 239 -3.90 -40.76 41.54
C SER C 239 -2.89 -40.17 40.57
N HIS C 240 -3.16 -38.96 40.09
CA HIS C 240 -2.31 -38.34 39.08
C HIS C 240 -0.89 -38.11 39.60
N LEU C 241 0.09 -38.27 38.72
CA LEU C 241 1.49 -38.11 39.08
C LEU C 241 1.82 -36.72 39.59
N LEU C 242 1.10 -35.73 39.06
CA LEU C 242 1.44 -34.35 39.35
C LEU C 242 0.46 -33.73 40.34
N PHE C 243 -0.28 -34.57 41.07
CA PHE C 243 -1.30 -34.11 42.00
C PHE C 243 -0.72 -33.17 43.06
N ASN C 244 0.37 -33.59 43.70
CA ASN C 244 1.05 -32.73 44.65
C ASN C 244 1.52 -31.42 44.01
N VAL C 245 2.08 -31.52 42.81
CA VAL C 245 2.55 -30.35 42.07
C VAL C 245 1.38 -29.41 41.82
N TYR C 246 0.23 -29.95 41.43
CA TYR C 246 -0.97 -29.15 41.26
C TYR C 246 -1.28 -28.36 42.54
N GLN C 247 -1.30 -29.05 43.67
CA GLN C 247 -1.65 -28.45 44.95
C GLN C 247 -0.64 -27.39 45.36
N ILE C 248 0.63 -27.65 45.09
CA ILE C 248 1.68 -26.69 45.41
C ILE C 248 1.44 -25.40 44.64
N VAL C 249 1.02 -25.52 43.38
CA VAL C 249 0.75 -24.36 42.54
C VAL C 249 -0.50 -23.61 43.02
N LEU C 250 -1.58 -24.35 43.24
CA LEU C 250 -2.82 -23.74 43.73
C LEU C 250 -2.56 -22.97 45.02
N GLN C 251 -1.77 -23.55 45.90
CA GLN C 251 -1.43 -22.89 47.15
C GLN C 251 -0.62 -21.63 46.91
N ALA C 252 0.36 -21.71 46.02
CA ALA C 252 1.24 -20.58 45.73
C ALA C 252 0.42 -19.42 45.13
N GLN C 253 -0.62 -19.78 44.40
CA GLN C 253 -1.51 -18.81 43.77
C GLN C 253 -2.32 -18.08 44.85
N LEU C 254 -2.82 -18.83 45.82
CA LEU C 254 -3.57 -18.27 46.94
C LEU C 254 -2.68 -17.39 47.80
N ALA C 255 -1.45 -17.86 48.01
CA ALA C 255 -0.48 -17.11 48.81
C ALA C 255 -0.19 -15.74 48.18
N ALA C 256 -0.19 -15.69 46.85
CA ALA C 256 0.04 -14.44 46.14
C ALA C 256 -1.19 -13.54 46.18
N ILE C 257 -2.36 -14.12 45.92
CA ILE C 257 -3.62 -13.38 45.98
C ILE C 257 -3.91 -12.79 47.36
N SER C 258 -3.69 -13.56 48.41
CA SER C 258 -3.95 -13.08 49.76
C SER C 258 -3.00 -11.92 50.11
N ALA C 259 -1.90 -11.82 49.35
CA ALA C 259 -0.88 -10.80 49.59
C ALA C 259 -1.18 -9.49 48.85
N ILE C 260 -2.27 -9.49 48.07
CA ILE C 260 -2.64 -8.31 47.28
C ILE C 260 -3.66 -7.40 48.01
N ARG C 261 -3.25 -6.15 48.21
CA ARG C 261 -4.11 -5.10 48.75
C ARG C 261 -3.37 -3.81 48.43
N PRO C 262 -4.07 -2.67 48.45
CA PRO C 262 -3.37 -1.40 48.20
C PRO C 262 -2.14 -1.25 49.11
N GLY C 263 -1.05 -0.72 48.56
CA GLY C 263 0.14 -0.47 49.35
C GLY C 263 1.26 -1.49 49.24
N VAL C 264 0.93 -2.74 48.94
CA VAL C 264 1.93 -3.78 48.81
C VAL C 264 2.70 -3.57 47.51
N ARG C 265 4.02 -3.63 47.53
CA ARG C 265 4.77 -3.48 46.26
C ARG C 265 4.85 -4.80 45.50
N CYS C 266 4.84 -4.70 44.17
CA CYS C 266 4.71 -5.85 43.28
C CYS C 266 5.70 -7.00 43.47
N GLN C 267 6.96 -6.68 43.79
CA GLN C 267 7.96 -7.73 43.93
C GLN C 267 7.68 -8.64 45.13
N GLN C 268 6.96 -8.13 46.11
CA GLN C 268 6.66 -8.91 47.30
C GLN C 268 5.61 -9.97 46.99
N VAL C 269 4.75 -9.69 46.02
CA VAL C 269 3.73 -10.66 45.60
C VAL C 269 4.35 -11.85 44.88
N ASP C 270 5.30 -11.57 44.00
CA ASP C 270 6.05 -12.62 43.34
C ASP C 270 6.78 -13.43 44.41
N ASP C 271 7.40 -12.74 45.36
CA ASP C 271 8.10 -13.37 46.48
C ASP C 271 7.22 -14.33 47.23
N ALA C 272 5.95 -13.99 47.33
CA ALA C 272 5.00 -14.84 48.04
C ALA C 272 4.83 -16.16 47.34
N ALA C 273 4.48 -16.12 46.06
CA ALA C 273 4.22 -17.33 45.30
C ALA C 273 5.48 -18.13 45.07
N ARG C 274 6.56 -17.43 44.75
CA ARG C 274 7.82 -18.08 44.41
C ARG C 274 8.45 -18.81 45.61
N ARG C 275 8.34 -18.25 46.81
CA ARG C 275 8.94 -18.90 47.96
C ARG C 275 8.22 -20.21 48.27
N VAL C 276 6.91 -20.24 48.10
CA VAL C 276 6.13 -21.46 48.31
C VAL C 276 6.65 -22.56 47.37
N ILE C 277 6.73 -22.22 46.08
CA ILE C 277 7.19 -23.15 45.07
C ILE C 277 8.66 -23.54 45.30
N THR C 278 9.45 -22.56 45.74
CA THR C 278 10.88 -22.79 45.97
C THR C 278 11.15 -23.69 47.17
N GLU C 279 10.48 -23.43 48.29
CA GLU C 279 10.68 -24.27 49.46
C GLU C 279 10.06 -25.66 49.24
N ALA C 280 9.20 -25.77 48.22
CA ALA C 280 8.63 -27.05 47.83
C ALA C 280 9.63 -27.84 47.00
N GLY C 281 10.69 -27.16 46.56
CA GLY C 281 11.76 -27.81 45.84
C GLY C 281 11.57 -27.74 44.35
N TYR C 282 10.83 -26.74 43.88
CA TYR C 282 10.55 -26.62 42.46
C TYR C 282 10.90 -25.24 41.92
N GLY C 283 11.76 -24.53 42.64
CA GLY C 283 12.15 -23.18 42.25
C GLY C 283 12.70 -23.08 40.85
N ASP C 284 13.31 -24.15 40.36
CA ASP C 284 13.92 -24.13 39.03
C ASP C 284 12.92 -24.43 37.93
N TYR C 285 11.70 -24.76 38.30
CA TYR C 285 10.68 -25.13 37.32
C TYR C 285 9.57 -24.09 37.27
N PHE C 286 9.89 -22.90 37.77
CA PHE C 286 8.99 -21.76 37.76
C PHE C 286 9.72 -20.61 37.08
N GLY C 287 9.76 -20.63 35.76
CA GLY C 287 10.63 -19.76 35.01
C GLY C 287 10.08 -18.41 34.61
N HIS C 288 8.78 -18.18 34.80
CA HIS C 288 8.20 -16.90 34.41
C HIS C 288 7.73 -16.12 35.63
N ASN C 289 7.25 -14.89 35.40
CA ASN C 289 6.74 -14.01 36.48
C ASN C 289 5.47 -14.55 37.11
N THR C 290 5.13 -14.05 38.29
CA THR C 290 3.93 -14.49 38.98
C THR C 290 2.69 -13.91 38.29
N GLY C 291 2.85 -12.72 37.70
CA GLY C 291 1.74 -12.12 36.97
C GLY C 291 2.07 -10.82 36.29
N HIS C 292 1.07 -10.23 35.64
CA HIS C 292 1.28 -9.01 34.86
C HIS C 292 0.01 -8.18 34.89
N ALA C 293 0.16 -6.87 34.72
CA ALA C 293 -1.00 -5.99 34.62
C ALA C 293 -1.76 -6.28 33.34
N ILE C 294 -3.02 -5.87 33.28
CA ILE C 294 -3.80 -6.14 32.08
C ILE C 294 -4.82 -5.02 31.89
N GLY C 295 -5.16 -4.72 30.65
CA GLY C 295 -6.14 -3.68 30.35
C GLY C 295 -6.45 -3.64 28.87
N ILE C 296 -6.03 -2.57 28.22
CA ILE C 296 -6.18 -2.49 26.78
C ILE C 296 -5.32 -3.55 26.11
N GLU C 297 -4.16 -3.84 26.71
CA GLU C 297 -3.31 -4.94 26.23
C GLU C 297 -3.34 -6.12 27.21
N VAL C 298 -2.97 -7.30 26.74
CA VAL C 298 -2.88 -8.48 27.59
C VAL C 298 -1.73 -8.30 28.60
N HIS C 299 -0.61 -7.78 28.15
CA HIS C 299 0.53 -7.52 29.04
C HIS C 299 0.77 -6.05 29.25
N GLU C 300 0.55 -5.58 30.47
CA GLU C 300 0.87 -4.20 30.80
C GLU C 300 1.73 -4.17 32.04
N ASP C 301 2.20 -2.99 32.40
CA ASP C 301 2.94 -2.81 33.65
C ASP C 301 1.98 -2.34 34.74
N PRO C 302 2.31 -2.59 36.02
CA PRO C 302 3.51 -3.26 36.53
C PRO C 302 3.46 -4.79 36.47
N ARG C 303 4.54 -5.43 36.90
CA ARG C 303 4.61 -6.88 36.87
C ARG C 303 4.81 -7.44 38.27
N PHE C 304 4.13 -8.54 38.56
CA PHE C 304 4.45 -9.35 39.72
C PHE C 304 5.73 -10.11 39.40
N SER C 305 6.87 -9.45 39.54
CA SER C 305 8.18 -10.05 39.26
C SER C 305 9.10 -9.79 40.44
N PRO C 306 10.20 -10.54 40.54
CA PRO C 306 11.17 -10.33 41.63
C PRO C 306 11.76 -8.91 41.71
N ARG C 307 11.68 -8.11 40.64
CA ARG C 307 12.45 -6.87 40.62
C ARG C 307 11.55 -5.65 40.57
N ASP C 308 10.26 -5.87 40.35
CA ASP C 308 9.35 -4.75 40.18
C ASP C 308 8.95 -4.18 41.52
N THR C 309 9.38 -2.95 41.78
CA THR C 309 9.17 -2.31 43.07
C THR C 309 7.92 -1.42 43.08
N THR C 310 7.11 -1.51 42.02
CA THR C 310 5.89 -0.69 41.92
C THR C 310 4.92 -0.97 43.06
N THR C 311 4.41 0.09 43.67
CA THR C 311 3.47 -0.02 44.77
C THR C 311 2.04 -0.09 44.26
N LEU C 312 1.26 -0.94 44.89
CA LEU C 312 -0.08 -1.25 44.42
C LEU C 312 -1.17 -0.26 44.89
N GLN C 313 -2.11 0.05 44.00
CA GLN C 313 -3.19 1.02 44.27
C GLN C 313 -4.50 0.52 43.67
N PRO C 314 -5.66 0.88 44.26
CA PRO C 314 -6.93 0.47 43.65
C PRO C 314 -7.13 0.93 42.20
N GLY C 315 -7.76 0.09 41.40
CA GLY C 315 -8.00 0.40 40.00
C GLY C 315 -7.03 -0.33 39.11
N MET C 316 -5.96 -0.86 39.71
CA MET C 316 -5.04 -1.73 39.01
C MET C 316 -5.66 -3.11 38.87
N LEU C 317 -5.42 -3.75 37.73
CA LEU C 317 -5.81 -5.13 37.56
C LEU C 317 -4.59 -5.93 37.15
N LEU C 318 -4.32 -7.03 37.85
CA LEU C 318 -3.18 -7.85 37.51
C LEU C 318 -3.54 -9.31 37.52
N THR C 319 -2.76 -10.10 36.81
CA THR C 319 -2.94 -11.54 36.79
C THR C 319 -2.12 -12.16 37.91
N VAL C 320 -2.61 -13.28 38.44
CA VAL C 320 -1.85 -14.08 39.39
C VAL C 320 -1.80 -15.50 38.80
N GLU C 321 -0.65 -15.89 38.26
CA GLU C 321 -0.56 -17.15 37.49
C GLU C 321 0.76 -17.89 37.69
N PRO C 322 1.04 -18.34 38.92
CA PRO C 322 2.26 -19.14 39.09
C PRO C 322 2.08 -20.51 38.47
N GLY C 323 3.19 -21.21 38.25
CA GLY C 323 3.10 -22.53 37.68
C GLY C 323 4.37 -23.32 37.88
N ILE C 324 4.28 -24.63 37.72
CA ILE C 324 5.43 -25.52 37.75
C ILE C 324 5.42 -26.37 36.49
N TYR C 325 6.56 -26.39 35.79
CA TYR C 325 6.65 -27.03 34.48
C TYR C 325 7.74 -28.09 34.47
N LEU C 326 7.35 -29.35 34.27
CA LEU C 326 8.30 -30.45 34.35
C LEU C 326 8.44 -31.18 33.00
N PRO C 327 9.49 -30.83 32.23
CA PRO C 327 9.79 -31.39 30.90
C PRO C 327 9.71 -32.89 30.93
N GLY C 328 8.89 -33.48 30.06
CA GLY C 328 8.77 -34.92 30.06
C GLY C 328 7.60 -35.43 30.90
N GLN C 329 7.08 -34.60 31.80
CA GLN C 329 5.97 -35.05 32.65
C GLN C 329 4.69 -34.27 32.41
N GLY C 330 4.83 -32.96 32.35
CA GLY C 330 3.70 -32.06 32.21
C GLY C 330 3.92 -30.80 33.03
N GLY C 331 2.83 -30.09 33.31
CA GLY C 331 2.93 -28.86 34.07
C GLY C 331 1.56 -28.39 34.51
N VAL C 332 1.57 -27.44 35.42
CA VAL C 332 0.35 -26.87 35.95
C VAL C 332 0.46 -25.35 36.07
N ARG C 333 -0.53 -24.63 35.56
CA ARG C 333 -0.64 -23.21 35.82
C ARG C 333 -2.08 -22.87 36.15
N ILE C 334 -2.27 -21.98 37.11
CA ILE C 334 -3.60 -21.50 37.46
C ILE C 334 -3.60 -19.98 37.50
N GLU C 335 -4.44 -19.36 36.68
CA GLU C 335 -4.42 -17.92 36.52
C GLU C 335 -5.75 -17.22 36.81
N ASP C 336 -5.69 -16.21 37.67
CA ASP C 336 -6.84 -15.36 37.89
C ASP C 336 -6.52 -13.92 37.49
N VAL C 337 -7.53 -13.19 37.05
CA VAL C 337 -7.40 -11.74 36.93
C VAL C 337 -7.85 -11.15 38.25
N VAL C 338 -7.03 -10.31 38.86
CA VAL C 338 -7.39 -9.77 40.15
C VAL C 338 -7.54 -8.24 40.08
N LEU C 339 -8.73 -7.76 40.44
CA LEU C 339 -8.97 -6.33 40.57
C LEU C 339 -8.63 -5.89 41.97
N VAL C 340 -7.75 -4.91 42.06
CA VAL C 340 -7.45 -4.31 43.35
C VAL C 340 -8.59 -3.41 43.82
N THR C 341 -9.07 -3.66 45.04
CA THR C 341 -10.16 -2.87 45.62
C THR C 341 -9.62 -2.01 46.76
N PRO C 342 -10.39 -1.00 47.20
CA PRO C 342 -10.03 -0.21 48.38
C PRO C 342 -9.79 -1.11 49.61
N GLN C 343 -10.55 -2.19 49.70
CA GLN C 343 -10.49 -3.05 50.87
C GLN C 343 -9.33 -4.03 50.77
N GLY C 344 -9.15 -4.64 49.60
CA GLY C 344 -8.08 -5.60 49.39
C GLY C 344 -7.88 -5.96 47.93
N ALA C 345 -8.37 -7.13 47.54
CA ALA C 345 -8.28 -7.63 46.19
C ALA C 345 -9.57 -8.35 45.81
N GLU C 346 -9.93 -8.33 44.54
CA GLU C 346 -11.14 -9.04 44.10
C GLU C 346 -10.90 -9.91 42.87
N VAL C 347 -11.18 -11.20 43.01
CA VAL C 347 -11.05 -12.17 41.93
C VAL C 347 -12.25 -12.10 40.99
N LEU C 348 -12.01 -11.96 39.70
CA LEU C 348 -13.09 -11.75 38.76
C LEU C 348 -13.50 -13.06 38.06
N TYR C 349 -12.96 -14.17 38.54
CA TYR C 349 -13.35 -15.47 38.00
C TYR C 349 -14.01 -16.26 39.11
N ALA C 350 -15.08 -16.98 38.76
CA ALA C 350 -15.81 -17.79 39.72
C ALA C 350 -15.40 -19.24 39.60
N MET C 351 -14.84 -19.59 38.46
CA MET C 351 -14.35 -20.93 38.20
C MET C 351 -13.44 -21.42 39.32
N PRO C 352 -13.80 -22.58 39.89
CA PRO C 352 -12.97 -23.17 40.96
C PRO C 352 -11.60 -23.61 40.43
N LYS C 353 -10.63 -23.64 41.32
CA LYS C 353 -9.24 -23.84 40.94
C LYS C 353 -8.70 -25.15 41.53
N THR C 354 -9.60 -25.97 42.08
CA THR C 354 -9.25 -27.33 42.48
C THR C 354 -9.18 -28.19 41.24
N VAL C 355 -8.83 -29.46 41.39
CA VAL C 355 -8.75 -30.32 40.22
C VAL C 355 -10.15 -30.73 39.78
N LEU C 356 -10.52 -30.41 38.55
CA LEU C 356 -11.84 -30.73 38.00
C LEU C 356 -11.75 -31.71 36.86
N LEU C 357 -12.75 -32.56 36.72
CA LEU C 357 -12.78 -33.49 35.59
C LEU C 357 -13.56 -32.90 34.43
N THR C 358 -13.23 -33.34 33.22
CA THR C 358 -13.92 -32.86 32.03
C THR C 358 -15.18 -33.68 31.76
N GLY C 359 -15.97 -33.21 30.80
CA GLY C 359 -17.12 -33.96 30.32
C GLY C 359 -18.33 -33.84 31.21
N GLU C 360 -19.31 -34.73 30.95
CA GLU C 360 -20.58 -34.78 31.68
C GLU C 360 -21.28 -33.42 31.72
ZN ZN D . -7.93 -6.84 0.97
ZN ZN E . -10.53 -8.07 2.41
AS CAC F . -8.65 -5.82 3.92
O1 CAC F . -9.25 -6.64 2.51
O2 CAC F . -7.56 -6.81 4.82
C1 CAC F . -7.78 -4.15 3.32
C2 CAC F . -10.14 -5.37 5.11
C1 GOL G . 4.37 -14.74 20.90
O1 GOL G . 3.05 -14.59 20.41
C2 GOL G . 5.38 -14.83 19.75
O2 GOL G . 5.01 -13.99 18.68
C3 GOL G . 6.76 -14.40 20.27
O3 GOL G . 7.71 -15.40 19.96
NA NA H . 27.22 0.40 15.77
ZN ZN I . 10.37 23.37 -32.22
ZN ZN J . 13.17 22.60 -30.98
AS CAC K . 12.45 21.79 -34.15
O1 CAC K . 12.38 22.77 -32.71
O2 CAC K . 11.75 20.22 -33.87
C1 CAC K . 11.59 22.80 -35.60
C2 CAC K . 14.35 21.60 -34.67
ZN ZN L . -1.40 -13.93 31.94
ZN ZN M . -2.84 -16.28 30.69
AS CAC N . -0.05 -15.08 29.27
O1 CAC N . -1.09 -15.53 30.60
O2 CAC N . -0.79 -13.91 28.22
C1 CAC N . 1.63 -14.42 30.08
C2 CAC N . 0.35 -16.69 28.23
#